data_5WK4
#
_entry.id   5WK4
#
_cell.length_a   60.415
_cell.length_b   61.382
_cell.length_c   80.562
_cell.angle_alpha   110.09
_cell.angle_beta   99.79
_cell.angle_gamma   93.52
#
_symmetry.space_group_name_H-M   'P 1'
#
loop_
_entity.id
_entity.type
_entity.pdbx_description
1 polymer 'Variable lymphocyte receptor 39'
2 non-polymer 'MAGNESIUM ION'
3 water water
#
_entity_poly.entity_id   1
_entity_poly.type   'polypeptide(L)'
_entity_poly.pdbx_seq_one_letter_code
;PGHHHHHHGGCPSQCSCRGTTVNCDSRSLASVPAGIPTDRQNLWLNNNQITKLEPGVFDSLTALTFLNVGDNQLSALPIG
VFDRLAQLTRLGLSHNQFTALPAGVFDKLPKLTHLVLHTNQLKSIPRGAFDNLKSLTHIYLFNNPWDCECSDILYLKNWI
VQHASIVNPHPYGGVDNVKCSGTNTPVRAVTEASTSPSKCP
;
_entity_poly.pdbx_strand_id   D,A,B,C,E,F
#
loop_
_chem_comp.id
_chem_comp.type
_chem_comp.name
_chem_comp.formula
MG non-polymer 'MAGNESIUM ION' 'Mg 2'
#
# COMPACT_ATOMS: atom_id res chain seq x y z
N GLY A 9 8.26 0.62 -12.61
CA GLY A 9 7.97 -0.60 -11.88
C GLY A 9 7.50 -0.37 -10.46
N GLY A 10 7.37 0.89 -10.06
CA GLY A 10 7.00 1.20 -8.69
C GLY A 10 5.51 1.07 -8.41
N CYS A 11 5.19 0.77 -7.12
CA CYS A 11 3.83 0.57 -6.61
C CYS A 11 3.21 1.91 -6.25
N PRO A 12 1.99 2.20 -6.72
CA PRO A 12 1.37 3.49 -6.42
C PRO A 12 1.25 3.72 -4.91
N SER A 13 1.39 4.99 -4.53
CA SER A 13 1.56 5.36 -3.13
C SER A 13 0.40 4.86 -2.27
N GLN A 14 -0.81 4.83 -2.82
CA GLN A 14 -1.99 4.49 -2.04
C GLN A 14 -2.21 2.99 -1.92
N CYS A 15 -1.50 2.18 -2.68
CA CYS A 15 -1.75 0.75 -2.79
C CYS A 15 -0.57 -0.02 -2.21
N SER A 16 -0.72 -1.35 -2.22
CA SER A 16 0.34 -2.27 -1.86
C SER A 16 0.44 -3.35 -2.93
N CYS A 17 1.67 -3.80 -3.20
CA CYS A 17 1.93 -4.67 -4.33
C CYS A 17 2.64 -5.94 -3.86
N ARG A 18 2.27 -7.08 -4.46
CA ARG A 18 2.86 -8.36 -4.08
C ARG A 18 2.79 -9.28 -5.31
N GLY A 19 3.94 -9.72 -5.79
CA GLY A 19 3.93 -10.49 -7.03
C GLY A 19 3.34 -9.68 -8.17
N THR A 20 2.38 -10.29 -8.87
CA THR A 20 1.69 -9.64 -9.97
C THR A 20 0.40 -8.94 -9.52
N THR A 21 0.17 -8.82 -8.21
CA THR A 21 -1.05 -8.22 -7.69
C THR A 21 -0.82 -6.80 -7.19
N VAL A 22 -1.74 -5.90 -7.53
CA VAL A 22 -1.78 -4.54 -7.02
C VAL A 22 -3.04 -4.40 -6.17
N ASN A 23 -2.88 -4.18 -4.86
CA ASN A 23 -3.98 -4.07 -3.92
C ASN A 23 -4.30 -2.60 -3.68
N CYS A 24 -5.42 -2.14 -4.24
CA CYS A 24 -5.90 -0.77 -4.03
C CYS A 24 -7.30 -0.76 -3.42
N ASP A 25 -7.71 -1.85 -2.78
CA ASP A 25 -9.06 -1.96 -2.27
C ASP A 25 -9.17 -1.30 -0.89
N SER A 26 -10.39 -0.87 -0.56
CA SER A 26 -10.71 -0.33 0.77
C SER A 26 -9.79 0.82 1.15
N ARG A 27 -9.59 1.76 0.22
CA ARG A 27 -8.65 2.85 0.44
C ARG A 27 -9.28 4.23 0.26
N SER A 28 -10.62 4.31 0.29
CA SER A 28 -11.35 5.57 0.14
C SER A 28 -11.00 6.31 -1.14
N LEU A 29 -10.71 5.60 -2.22
CA LEU A 29 -10.26 6.24 -3.45
C LEU A 29 -11.45 6.75 -4.26
N ALA A 30 -11.26 7.89 -4.91
CA ALA A 30 -12.24 8.42 -5.85
C ALA A 30 -11.87 8.12 -7.30
N SER A 31 -10.62 7.75 -7.54
CA SER A 31 -10.12 7.51 -8.89
C SER A 31 -9.14 6.36 -8.86
N VAL A 32 -8.91 5.78 -10.03
CA VAL A 32 -7.83 4.80 -10.17
C VAL A 32 -6.48 5.51 -10.04
N PRO A 33 -5.59 5.03 -9.18
CA PRO A 33 -4.30 5.71 -9.02
C PRO A 33 -3.48 5.70 -10.30
N ALA A 34 -2.69 6.77 -10.48
CA ALA A 34 -1.76 6.86 -11.58
C ALA A 34 -0.55 5.95 -11.36
N GLY A 35 0.06 5.53 -12.46
CA GLY A 35 1.33 4.83 -12.38
C GLY A 35 1.28 3.38 -11.93
N ILE A 36 0.19 2.68 -12.17
CA ILE A 36 0.20 1.23 -11.93
C ILE A 36 1.14 0.59 -12.93
N PRO A 37 2.10 -0.23 -12.50
CA PRO A 37 3.05 -0.82 -13.45
C PRO A 37 2.35 -1.69 -14.48
N THR A 38 2.83 -1.63 -15.73
CA THR A 38 2.12 -2.21 -16.86
C THR A 38 2.23 -3.72 -16.94
N ASP A 39 3.08 -4.35 -16.13
CA ASP A 39 3.21 -5.79 -16.15
C ASP A 39 2.33 -6.48 -15.11
N ARG A 40 1.61 -5.71 -14.30
CA ARG A 40 0.81 -6.30 -13.23
C ARG A 40 -0.43 -7.01 -13.79
N GLN A 41 -0.85 -8.06 -13.08
CA GLN A 41 -1.90 -8.92 -13.60
C GLN A 41 -3.19 -8.94 -12.79
N ASN A 42 -3.17 -8.61 -11.51
CA ASN A 42 -4.38 -8.63 -10.70
C ASN A 42 -4.53 -7.28 -10.03
N LEU A 43 -5.66 -6.61 -10.27
CA LEU A 43 -5.88 -5.26 -9.77
C LEU A 43 -7.18 -5.22 -8.98
N TRP A 44 -7.06 -4.94 -7.67
CA TRP A 44 -8.19 -4.85 -6.76
C TRP A 44 -8.47 -3.37 -6.50
N LEU A 45 -9.63 -2.90 -6.97
CA LEU A 45 -10.08 -1.53 -6.77
C LEU A 45 -11.41 -1.49 -6.05
N ASN A 46 -11.81 -2.63 -5.46
CA ASN A 46 -13.12 -2.76 -4.86
C ASN A 46 -13.17 -2.04 -3.51
N ASN A 47 -14.40 -1.75 -3.08
CA ASN A 47 -14.64 -1.09 -1.79
C ASN A 47 -13.98 0.29 -1.72
N ASN A 48 -14.21 1.10 -2.74
CA ASN A 48 -13.73 2.47 -2.74
C ASN A 48 -14.95 3.38 -2.95
N GLN A 49 -14.72 4.63 -3.34
CA GLN A 49 -15.84 5.51 -3.72
C GLN A 49 -15.60 6.12 -5.09
N ILE A 50 -15.27 5.26 -6.05
CA ILE A 50 -15.05 5.70 -7.42
C ILE A 50 -16.44 5.93 -8.03
N THR A 51 -16.72 7.17 -8.45
CA THR A 51 -18.02 7.49 -9.01
C THR A 51 -18.03 7.53 -10.53
N LYS A 52 -16.87 7.65 -11.15
CA LYS A 52 -16.77 7.75 -12.60
C LYS A 52 -15.35 7.38 -13.00
N LEU A 53 -15.21 6.45 -13.95
CA LEU A 53 -13.92 6.13 -14.54
C LEU A 53 -13.69 7.01 -15.76
N GLU A 54 -12.47 7.57 -15.89
CA GLU A 54 -12.23 8.35 -17.09
C GLU A 54 -11.96 7.41 -18.27
N PRO A 55 -12.25 7.85 -19.50
CA PRO A 55 -11.97 7.00 -20.64
C PRO A 55 -10.49 6.65 -20.72
N GLY A 56 -10.20 5.40 -21.10
CA GLY A 56 -8.81 4.99 -21.25
C GLY A 56 -8.07 4.68 -19.97
N VAL A 57 -8.76 4.71 -18.82
CA VAL A 57 -8.08 4.58 -17.51
C VAL A 57 -7.22 3.32 -17.40
N PHE A 58 -7.59 2.22 -18.08
CA PHE A 58 -6.88 0.95 -17.93
C PHE A 58 -6.03 0.60 -19.14
N ASP A 59 -5.79 1.52 -20.07
CA ASP A 59 -5.28 1.14 -21.39
C ASP A 59 -3.88 0.56 -21.34
N SER A 60 -3.07 0.95 -20.36
CA SER A 60 -1.70 0.43 -20.33
C SER A 60 -1.59 -0.95 -19.69
N LEU A 61 -2.65 -1.45 -19.06
CA LEU A 61 -2.53 -2.66 -18.24
C LEU A 61 -2.85 -3.90 -19.07
N THR A 62 -2.06 -4.11 -20.12
CA THR A 62 -2.40 -5.11 -21.12
C THR A 62 -2.19 -6.53 -20.62
N ALA A 63 -1.54 -6.70 -19.49
CA ALA A 63 -1.32 -8.00 -18.89
C ALA A 63 -2.38 -8.39 -17.86
N LEU A 64 -3.37 -7.53 -17.61
CA LEU A 64 -4.33 -7.82 -16.56
C LEU A 64 -5.11 -9.10 -16.86
N THR A 65 -5.18 -10.00 -15.87
CA THR A 65 -6.06 -11.15 -15.92
C THR A 65 -7.22 -11.05 -14.95
N PHE A 66 -7.13 -10.17 -13.94
CA PHE A 66 -8.15 -10.01 -12.90
C PHE A 66 -8.34 -8.53 -12.62
N LEU A 67 -9.58 -8.07 -12.68
CA LEU A 67 -9.89 -6.67 -12.39
C LEU A 67 -11.16 -6.64 -11.58
N ASN A 68 -11.08 -6.14 -10.34
CA ASN A 68 -12.27 -6.01 -9.49
C ASN A 68 -12.53 -4.53 -9.20
N VAL A 69 -13.65 -4.00 -9.69
CA VAL A 69 -14.09 -2.65 -9.34
C VAL A 69 -15.43 -2.67 -8.62
N GLY A 70 -15.76 -3.79 -8.00
CA GLY A 70 -17.01 -3.89 -7.26
C GLY A 70 -17.03 -3.01 -6.03
N ASP A 71 -18.23 -2.79 -5.54
CA ASP A 71 -18.50 -1.94 -4.37
C ASP A 71 -17.83 -0.57 -4.53
N ASN A 72 -18.22 0.10 -5.60
CA ASN A 72 -17.92 1.51 -5.83
C ASN A 72 -19.26 2.20 -6.09
N GLN A 73 -19.21 3.38 -6.71
CA GLN A 73 -20.41 4.17 -6.95
C GLN A 73 -20.57 4.51 -8.43
N LEU A 74 -20.16 3.59 -9.31
CA LEU A 74 -20.17 3.84 -10.75
C LEU A 74 -21.58 3.69 -11.31
N SER A 75 -21.97 4.64 -12.16
CA SER A 75 -23.24 4.63 -12.86
C SER A 75 -23.10 4.29 -14.34
N ALA A 76 -21.90 4.35 -14.89
CA ALA A 76 -21.67 4.09 -16.29
C ALA A 76 -20.22 3.65 -16.45
N LEU A 77 -19.91 3.12 -17.64
CA LEU A 77 -18.56 2.82 -18.03
C LEU A 77 -18.28 3.57 -19.33
N PRO A 78 -17.05 4.06 -19.52
CA PRO A 78 -16.72 4.69 -20.79
C PRO A 78 -16.66 3.65 -21.90
N ILE A 79 -17.08 4.06 -23.10
CA ILE A 79 -16.88 3.23 -24.29
C ILE A 79 -15.43 2.79 -24.36
N GLY A 80 -15.22 1.48 -24.59
CA GLY A 80 -13.90 0.95 -24.86
C GLY A 80 -13.02 0.75 -23.66
N VAL A 81 -13.55 0.89 -22.44
CA VAL A 81 -12.72 0.96 -21.25
C VAL A 81 -11.93 -0.33 -21.02
N PHE A 82 -12.42 -1.46 -21.51
CA PHE A 82 -11.71 -2.72 -21.35
C PHE A 82 -11.01 -3.18 -22.63
N ASP A 83 -10.99 -2.36 -23.68
CA ASP A 83 -10.65 -2.84 -25.01
C ASP A 83 -9.20 -3.33 -25.13
N ARG A 84 -8.29 -2.85 -24.29
CA ARG A 84 -6.90 -3.26 -24.35
C ARG A 84 -6.59 -4.46 -23.45
N LEU A 85 -7.59 -4.95 -22.70
CA LEU A 85 -7.36 -5.98 -21.68
C LEU A 85 -7.58 -7.38 -22.25
N ALA A 86 -6.72 -7.71 -23.23
CA ALA A 86 -6.86 -8.95 -23.99
C ALA A 86 -6.73 -10.20 -23.13
N GLN A 87 -5.99 -10.14 -22.02
CA GLN A 87 -5.78 -11.32 -21.18
C GLN A 87 -6.81 -11.46 -20.06
N LEU A 88 -7.81 -10.59 -20.01
CA LEU A 88 -8.69 -10.55 -18.83
C LEU A 88 -9.48 -11.84 -18.72
N THR A 89 -9.46 -12.46 -17.54
CA THR A 89 -10.29 -13.65 -17.28
C THR A 89 -11.41 -13.41 -16.29
N ARG A 90 -11.23 -12.48 -15.34
CA ARG A 90 -12.22 -12.24 -14.30
C ARG A 90 -12.47 -10.74 -14.18
N LEU A 91 -13.73 -10.34 -14.30
CA LEU A 91 -14.10 -8.92 -14.29
C LEU A 91 -15.22 -8.73 -13.29
N GLY A 92 -14.92 -8.04 -12.20
CA GLY A 92 -15.86 -7.80 -11.13
C GLY A 92 -16.41 -6.40 -11.17
N LEU A 93 -17.71 -6.30 -11.43
CA LEU A 93 -18.43 -5.04 -11.55
C LEU A 93 -19.64 -4.98 -10.62
N SER A 94 -19.70 -5.85 -9.61
CA SER A 94 -20.90 -5.94 -8.78
C SER A 94 -20.95 -4.78 -7.79
N HIS A 95 -22.12 -4.59 -7.19
CA HIS A 95 -22.29 -3.58 -6.14
C HIS A 95 -21.87 -2.19 -6.61
N ASN A 96 -22.35 -1.80 -7.79
CA ASN A 96 -22.20 -0.42 -8.24
C ASN A 96 -23.61 0.12 -8.46
N GLN A 97 -23.78 1.13 -9.31
CA GLN A 97 -25.13 1.59 -9.66
C GLN A 97 -25.27 1.78 -11.17
N PHE A 98 -24.73 0.83 -11.95
CA PHE A 98 -24.75 1.00 -13.40
C PHE A 98 -26.19 1.00 -13.88
N THR A 99 -26.55 2.01 -14.68
CA THR A 99 -27.86 2.11 -15.28
C THR A 99 -27.89 1.57 -16.70
N ALA A 100 -26.73 1.37 -17.31
CA ALA A 100 -26.61 0.84 -18.65
C ALA A 100 -25.16 0.48 -18.86
N LEU A 101 -24.94 -0.38 -19.85
CA LEU A 101 -23.59 -0.67 -20.27
C LEU A 101 -23.42 -0.22 -21.70
N PRO A 102 -22.23 0.24 -22.07
CA PRO A 102 -22.02 0.70 -23.45
C PRO A 102 -22.08 -0.45 -24.42
N ALA A 103 -22.59 -0.15 -25.60
CA ALA A 103 -22.44 -1.04 -26.72
C ALA A 103 -20.97 -1.36 -26.90
N GLY A 104 -20.69 -2.65 -27.00
CA GLY A 104 -19.39 -3.15 -27.35
C GLY A 104 -18.42 -3.32 -26.20
N VAL A 105 -18.84 -3.03 -24.97
CA VAL A 105 -17.89 -2.94 -23.87
C VAL A 105 -17.17 -4.27 -23.58
N PHE A 106 -17.77 -5.40 -23.95
CA PHE A 106 -17.12 -6.70 -23.70
C PHE A 106 -16.61 -7.36 -24.96
N ASP A 107 -16.61 -6.65 -26.10
CA ASP A 107 -16.30 -7.28 -27.38
C ASP A 107 -14.87 -7.78 -27.48
N LYS A 108 -13.94 -7.24 -26.71
CA LYS A 108 -12.53 -7.57 -26.87
C LYS A 108 -12.01 -8.38 -25.69
N LEU A 109 -12.85 -9.19 -25.06
CA LEU A 109 -12.49 -9.98 -23.88
C LEU A 109 -12.68 -11.48 -24.16
N PRO A 110 -11.94 -12.03 -25.14
CA PRO A 110 -12.15 -13.43 -25.52
C PRO A 110 -11.75 -14.45 -24.46
N LYS A 111 -10.89 -14.09 -23.50
CA LYS A 111 -10.48 -15.03 -22.45
C LYS A 111 -11.32 -14.91 -21.18
N LEU A 112 -12.33 -14.05 -21.17
CA LEU A 112 -13.08 -13.78 -19.96
C LEU A 112 -13.87 -15.02 -19.55
N THR A 113 -13.66 -15.50 -18.33
CA THR A 113 -14.42 -16.62 -17.79
C THR A 113 -15.47 -16.21 -16.78
N HIS A 114 -15.24 -15.13 -16.04
CA HIS A 114 -16.16 -14.67 -15.00
C HIS A 114 -16.51 -13.21 -15.23
N LEU A 115 -17.81 -12.92 -15.22
CA LEU A 115 -18.31 -11.56 -15.41
C LEU A 115 -19.33 -11.33 -14.32
N VAL A 116 -19.05 -10.40 -13.39
CA VAL A 116 -19.87 -10.22 -12.21
C VAL A 116 -20.59 -8.88 -12.31
N LEU A 117 -21.90 -8.93 -12.60
CA LEU A 117 -22.69 -7.73 -12.83
C LEU A 117 -23.84 -7.56 -11.83
N HIS A 118 -23.87 -8.38 -10.78
CA HIS A 118 -25.01 -8.38 -9.87
C HIS A 118 -25.02 -7.13 -9.01
N THR A 119 -26.20 -6.83 -8.46
CA THR A 119 -26.37 -5.68 -7.56
C THR A 119 -25.99 -4.36 -8.24
N ASN A 120 -26.74 -4.05 -9.28
CA ASN A 120 -26.56 -2.81 -10.02
C ASN A 120 -27.95 -2.24 -10.33
N GLN A 121 -28.03 -1.30 -11.26
CA GLN A 121 -29.31 -0.72 -11.66
C GLN A 121 -29.64 -0.98 -13.12
N LEU A 122 -29.19 -2.14 -13.63
CA LEU A 122 -29.33 -2.42 -15.05
C LEU A 122 -30.77 -2.77 -15.40
N LYS A 123 -31.24 -2.21 -16.51
CA LYS A 123 -32.59 -2.47 -17.00
C LYS A 123 -32.60 -3.42 -18.19
N SER A 124 -31.48 -3.55 -18.90
CA SER A 124 -31.37 -4.46 -20.02
C SER A 124 -29.89 -4.57 -20.34
N ILE A 125 -29.56 -5.44 -21.30
CA ILE A 125 -28.21 -5.52 -21.83
C ILE A 125 -28.28 -5.28 -23.32
N PRO A 126 -27.40 -4.44 -23.89
CA PRO A 126 -27.50 -4.12 -25.31
C PRO A 126 -27.37 -5.35 -26.18
N ARG A 127 -28.10 -5.35 -27.29
CA ARG A 127 -28.10 -6.50 -28.19
C ARG A 127 -26.68 -6.88 -28.58
N GLY A 128 -26.38 -8.17 -28.46
CA GLY A 128 -25.09 -8.68 -28.88
C GLY A 128 -23.97 -8.44 -27.90
N ALA A 129 -24.26 -7.92 -26.70
CA ALA A 129 -23.18 -7.53 -25.80
C ALA A 129 -22.26 -8.69 -25.46
N PHE A 130 -22.79 -9.92 -25.44
CA PHE A 130 -22.00 -11.09 -25.05
C PHE A 130 -21.51 -11.92 -26.25
N ASP A 131 -21.68 -11.41 -27.49
CA ASP A 131 -21.37 -12.19 -28.69
C ASP A 131 -19.97 -12.79 -28.67
N ASN A 132 -18.96 -12.04 -28.22
CA ASN A 132 -17.57 -12.45 -28.33
C ASN A 132 -17.01 -13.07 -27.05
N LEU A 133 -17.86 -13.33 -26.05
CA LEU A 133 -17.40 -13.88 -24.77
C LEU A 133 -17.36 -15.41 -24.84
N LYS A 134 -16.48 -15.91 -25.70
CA LYS A 134 -16.46 -17.34 -26.02
C LYS A 134 -15.81 -18.21 -24.95
N SER A 135 -15.30 -17.66 -23.85
CA SER A 135 -14.75 -18.41 -22.72
C SER A 135 -15.61 -18.32 -21.46
N LEU A 136 -16.76 -17.63 -21.52
CA LEU A 136 -17.50 -17.26 -20.31
C LEU A 136 -18.14 -18.49 -19.66
N THR A 137 -17.76 -18.75 -18.40
CA THR A 137 -18.33 -19.87 -17.67
C THR A 137 -19.22 -19.45 -16.50
N HIS A 138 -19.11 -18.21 -16.04
CA HIS A 138 -19.88 -17.71 -14.90
C HIS A 138 -20.25 -16.27 -15.18
N ILE A 139 -21.54 -15.98 -15.18
CA ILE A 139 -22.03 -14.61 -15.25
C ILE A 139 -23.05 -14.42 -14.13
N TYR A 140 -22.97 -13.29 -13.45
CA TYR A 140 -23.87 -13.00 -12.34
C TYR A 140 -24.69 -11.77 -12.69
N LEU A 141 -26.00 -11.94 -12.70
CA LEU A 141 -26.93 -10.93 -13.19
C LEU A 141 -28.04 -10.60 -12.19
N PHE A 142 -28.03 -11.25 -11.03
CA PHE A 142 -29.13 -11.11 -10.08
C PHE A 142 -29.11 -9.72 -9.44
N ASN A 143 -30.22 -9.37 -8.79
CA ASN A 143 -30.34 -8.07 -8.09
C ASN A 143 -30.07 -6.89 -9.03
N ASN A 144 -30.75 -6.92 -10.17
CA ASN A 144 -30.87 -5.79 -11.07
C ASN A 144 -32.33 -5.60 -11.42
N PRO A 145 -32.76 -4.37 -11.59
CA PRO A 145 -34.17 -4.06 -11.95
C PRO A 145 -34.46 -4.21 -13.43
N TRP A 146 -34.39 -5.45 -13.91
CA TRP A 146 -34.59 -5.71 -15.33
C TRP A 146 -35.98 -5.26 -15.77
N ASP A 147 -36.03 -4.52 -16.88
CA ASP A 147 -37.26 -3.91 -17.39
C ASP A 147 -37.87 -4.86 -18.43
N CYS A 148 -38.80 -5.67 -17.99
CA CYS A 148 -39.35 -6.74 -18.83
C CYS A 148 -40.50 -6.28 -19.72
N GLU A 149 -40.95 -5.04 -19.60
CA GLU A 149 -41.95 -4.53 -20.53
C GLU A 149 -41.34 -3.97 -21.79
N CYS A 150 -40.07 -3.59 -21.76
CA CYS A 150 -39.40 -3.03 -22.92
C CYS A 150 -38.80 -4.14 -23.77
N SER A 151 -38.98 -4.04 -25.09
CA SER A 151 -38.52 -5.11 -25.97
C SER A 151 -37.01 -5.27 -25.96
N ASP A 152 -36.26 -4.28 -25.45
CA ASP A 152 -34.81 -4.42 -25.34
C ASP A 152 -34.40 -5.57 -24.41
N ILE A 153 -35.30 -6.06 -23.56
CA ILE A 153 -35.00 -7.20 -22.70
C ILE A 153 -34.84 -8.51 -23.47
N LEU A 154 -35.25 -8.55 -24.73
CA LEU A 154 -35.36 -9.83 -25.43
C LEU A 154 -33.99 -10.45 -25.72
N TYR A 155 -32.97 -9.64 -25.93
CA TYR A 155 -31.63 -10.20 -26.10
C TYR A 155 -31.21 -10.97 -24.86
N LEU A 156 -31.33 -10.34 -23.69
CA LEU A 156 -30.96 -11.01 -22.45
C LEU A 156 -31.78 -12.25 -22.22
N LYS A 157 -33.11 -12.16 -22.43
CA LYS A 157 -33.96 -13.32 -22.23
C LYS A 157 -33.50 -14.49 -23.08
N ASN A 158 -33.28 -14.24 -24.38
CA ASN A 158 -32.88 -15.34 -25.24
C ASN A 158 -31.49 -15.85 -24.90
N TRP A 159 -30.60 -14.97 -24.43
CA TRP A 159 -29.24 -15.40 -24.16
C TRP A 159 -29.19 -16.27 -22.90
N ILE A 160 -29.92 -15.89 -21.85
CA ILE A 160 -29.86 -16.67 -20.61
C ILE A 160 -30.57 -18.01 -20.76
N VAL A 161 -31.65 -18.05 -21.56
CA VAL A 161 -32.28 -19.33 -21.88
C VAL A 161 -31.27 -20.24 -22.58
N GLN A 162 -30.61 -19.73 -23.62
CA GLN A 162 -29.68 -20.54 -24.38
C GLN A 162 -28.54 -21.08 -23.50
N HIS A 163 -27.97 -20.22 -22.65
CA HIS A 163 -26.77 -20.51 -21.88
C HIS A 163 -27.07 -20.70 -20.40
N ALA A 164 -28.17 -21.36 -20.06
CA ALA A 164 -28.69 -21.33 -18.68
C ALA A 164 -27.65 -21.76 -17.63
N SER A 165 -26.77 -22.72 -17.95
CA SER A 165 -25.92 -23.25 -16.90
C SER A 165 -24.86 -22.26 -16.46
N ILE A 166 -24.61 -21.21 -17.24
CA ILE A 166 -23.57 -20.27 -16.86
C ILE A 166 -24.11 -19.09 -16.08
N VAL A 167 -25.43 -18.97 -15.94
CA VAL A 167 -26.04 -17.79 -15.31
C VAL A 167 -26.27 -18.07 -13.83
N ASN A 168 -25.73 -17.19 -13.00
CA ASN A 168 -25.83 -17.26 -11.55
C ASN A 168 -25.55 -18.66 -10.99
N PRO A 169 -24.40 -19.27 -11.31
CA PRO A 169 -24.17 -20.65 -10.84
C PRO A 169 -24.19 -20.72 -9.32
N HIS A 170 -24.52 -21.91 -8.82
CA HIS A 170 -24.67 -22.14 -7.39
C HIS A 170 -23.49 -21.55 -6.63
N PRO A 171 -23.73 -20.85 -5.51
CA PRO A 171 -25.02 -20.73 -4.81
C PRO A 171 -25.86 -19.50 -5.16
N TYR A 172 -25.71 -18.94 -6.36
CA TYR A 172 -26.30 -17.65 -6.66
C TYR A 172 -27.65 -17.73 -7.37
N GLY A 173 -28.28 -18.89 -7.42
CA GLY A 173 -29.70 -18.98 -7.70
C GLY A 173 -30.08 -19.37 -9.10
N GLY A 174 -29.13 -19.46 -10.02
CA GLY A 174 -29.41 -19.98 -11.34
C GLY A 174 -30.13 -18.99 -12.23
N VAL A 175 -30.56 -19.51 -13.37
CA VAL A 175 -31.20 -18.70 -14.41
C VAL A 175 -32.48 -18.03 -13.89
N ASP A 176 -33.16 -18.66 -12.94
CA ASP A 176 -34.39 -18.09 -12.41
C ASP A 176 -34.15 -16.87 -11.55
N ASN A 177 -32.91 -16.62 -11.12
CA ASN A 177 -32.60 -15.47 -10.29
C ASN A 177 -32.23 -14.25 -11.13
N VAL A 178 -32.78 -14.17 -12.33
CA VAL A 178 -32.75 -12.97 -13.15
C VAL A 178 -34.21 -12.53 -13.24
N LYS A 179 -34.57 -11.48 -12.49
CA LYS A 179 -35.97 -11.21 -12.20
C LYS A 179 -36.43 -9.86 -12.77
N CYS A 180 -37.67 -9.85 -13.26
CA CYS A 180 -38.30 -8.63 -13.75
C CYS A 180 -38.61 -7.69 -12.60
N SER A 181 -38.34 -6.40 -12.81
CA SER A 181 -38.70 -5.41 -11.80
C SER A 181 -40.21 -5.31 -11.68
N GLY A 182 -40.68 -5.08 -10.46
CA GLY A 182 -42.09 -4.99 -10.18
C GLY A 182 -42.76 -6.34 -10.01
N THR A 183 -42.94 -7.03 -11.14
CA THR A 183 -43.61 -8.34 -11.12
C THR A 183 -42.77 -9.42 -10.45
N ASN A 184 -41.44 -9.27 -10.45
CA ASN A 184 -40.51 -10.23 -9.85
C ASN A 184 -40.65 -11.65 -10.41
N THR A 185 -41.13 -11.76 -11.64
CA THR A 185 -41.18 -13.01 -12.40
C THR A 185 -39.86 -13.20 -13.17
N PRO A 186 -39.55 -14.43 -13.59
CA PRO A 186 -38.27 -14.68 -14.26
C PRO A 186 -38.20 -14.00 -15.63
N VAL A 187 -37.06 -13.34 -15.88
CA VAL A 187 -36.78 -12.79 -17.20
C VAL A 187 -36.85 -13.86 -18.29
N ARG A 188 -36.43 -15.09 -17.97
CA ARG A 188 -36.40 -16.13 -18.99
C ARG A 188 -37.77 -16.44 -19.54
N ALA A 189 -38.85 -16.10 -18.81
CA ALA A 189 -40.21 -16.45 -19.22
C ALA A 189 -40.93 -15.32 -19.96
N VAL A 190 -40.27 -14.18 -20.17
CA VAL A 190 -40.89 -13.06 -20.85
C VAL A 190 -41.24 -13.43 -22.29
N THR A 191 -42.50 -13.19 -22.68
CA THR A 191 -42.92 -13.42 -24.05
C THR A 191 -42.75 -12.15 -24.87
N GLU A 192 -42.44 -12.32 -26.16
CA GLU A 192 -42.23 -11.17 -27.03
C GLU A 192 -43.48 -10.29 -27.09
N ALA A 193 -44.67 -10.91 -27.07
CA ALA A 193 -45.92 -10.16 -27.19
C ALA A 193 -46.17 -9.26 -25.98
N SER A 194 -45.65 -9.62 -24.80
CA SER A 194 -45.80 -8.80 -23.61
C SER A 194 -44.88 -7.58 -23.62
N THR A 195 -43.94 -7.50 -24.55
CA THR A 195 -43.02 -6.38 -24.62
C THR A 195 -43.43 -5.42 -25.72
N SER A 196 -42.78 -4.26 -25.75
CA SER A 196 -43.06 -3.26 -26.78
C SER A 196 -41.90 -2.29 -26.84
N PRO A 197 -41.49 -1.83 -28.02
CA PRO A 197 -40.45 -0.79 -28.07
C PRO A 197 -40.90 0.55 -27.50
N SER A 198 -42.21 0.79 -27.39
CA SER A 198 -42.68 2.09 -26.91
C SER A 198 -42.66 2.21 -25.39
N LYS A 199 -42.34 1.14 -24.67
CA LYS A 199 -42.23 1.21 -23.22
C LYS A 199 -40.78 1.08 -22.76
N CYS A 200 -39.87 1.65 -23.53
CA CYS A 200 -38.45 1.65 -23.21
C CYS A 200 -38.01 3.02 -22.71
N CYS B 11 -25.61 40.50 -30.04
CA CYS B 11 -24.49 40.02 -30.85
C CYS B 11 -23.50 41.13 -31.11
N PRO B 12 -22.22 40.83 -30.95
CA PRO B 12 -21.19 41.83 -31.33
C PRO B 12 -21.31 42.19 -32.80
N SER B 13 -21.06 43.48 -33.09
CA SER B 13 -21.19 43.99 -34.45
C SER B 13 -20.34 43.21 -35.46
N GLN B 14 -19.16 42.73 -35.06
CA GLN B 14 -18.25 42.08 -36.01
C GLN B 14 -18.59 40.62 -36.25
N CYS B 15 -19.51 40.06 -35.48
CA CYS B 15 -19.83 38.65 -35.52
C CYS B 15 -21.25 38.46 -36.03
N SER B 16 -21.64 37.20 -36.19
CA SER B 16 -23.01 36.86 -36.58
C SER B 16 -23.56 35.84 -35.61
N CYS B 17 -24.79 36.04 -35.17
CA CYS B 17 -25.42 35.21 -34.16
C CYS B 17 -26.74 34.67 -34.70
N ARG B 18 -27.02 33.42 -34.36
CA ARG B 18 -28.32 32.79 -34.62
C ARG B 18 -28.48 31.61 -33.67
N GLY B 19 -29.71 31.37 -33.23
CA GLY B 19 -29.92 30.30 -32.28
C GLY B 19 -29.17 30.64 -31.00
N THR B 20 -28.35 29.69 -30.52
CA THR B 20 -27.44 29.98 -29.43
C THR B 20 -25.99 30.02 -29.89
N THR B 21 -25.74 30.24 -31.18
CA THR B 21 -24.39 30.27 -31.71
C THR B 21 -23.94 31.71 -31.93
N VAL B 22 -22.65 31.95 -31.72
CA VAL B 22 -22.02 33.21 -32.11
C VAL B 22 -20.82 32.87 -32.99
N ASN B 23 -20.84 33.36 -34.23
CA ASN B 23 -19.78 33.10 -35.20
C ASN B 23 -18.89 34.33 -35.27
N CYS B 24 -17.69 34.21 -34.68
CA CYS B 24 -16.68 35.27 -34.73
C CYS B 24 -15.43 34.81 -35.46
N ASP B 25 -15.54 33.75 -36.27
CA ASP B 25 -14.38 33.17 -36.93
C ASP B 25 -14.02 33.93 -38.21
N SER B 26 -12.73 33.88 -38.56
CA SER B 26 -12.25 34.36 -39.85
C SER B 26 -12.61 35.83 -40.08
N ARG B 27 -12.36 36.65 -39.07
CA ARG B 27 -12.80 38.03 -39.07
C ARG B 27 -11.70 39.02 -38.70
N SER B 28 -10.44 38.60 -38.76
CA SER B 28 -9.30 39.50 -38.52
C SER B 28 -9.32 40.12 -37.13
N LEU B 29 -9.82 39.39 -36.14
CA LEU B 29 -10.00 39.93 -34.79
C LEU B 29 -8.71 39.80 -33.99
N ALA B 30 -8.41 40.83 -33.21
CA ALA B 30 -7.28 40.80 -32.28
C ALA B 30 -7.72 40.55 -30.85
N SER B 31 -9.01 40.71 -30.57
CA SER B 31 -9.58 40.54 -29.25
C SER B 31 -10.92 39.85 -29.38
N VAL B 32 -11.32 39.18 -28.32
CA VAL B 32 -12.65 38.63 -28.24
C VAL B 32 -13.63 39.79 -28.19
N PRO B 33 -14.55 39.90 -29.14
CA PRO B 33 -15.47 41.05 -29.14
C PRO B 33 -16.28 41.11 -27.86
N ALA B 34 -16.64 42.33 -27.47
CA ALA B 34 -17.30 42.55 -26.20
C ALA B 34 -18.79 42.26 -26.30
N GLY B 35 -19.37 41.86 -25.16
CA GLY B 35 -20.82 41.76 -25.03
C GLY B 35 -21.48 40.56 -25.66
N ILE B 36 -20.76 39.47 -25.85
CA ILE B 36 -21.38 38.25 -26.40
C ILE B 36 -22.51 37.80 -25.48
N PRO B 37 -23.68 37.44 -26.00
CA PRO B 37 -24.82 37.10 -25.14
C PRO B 37 -24.51 35.96 -24.18
N THR B 38 -25.03 36.07 -22.96
CA THR B 38 -24.72 35.10 -21.92
C THR B 38 -25.32 33.72 -22.16
N ASP B 39 -26.26 33.60 -23.09
CA ASP B 39 -26.93 32.34 -23.36
C ASP B 39 -26.26 31.54 -24.48
N ARG B 40 -25.12 32.00 -25.01
CA ARG B 40 -24.51 31.33 -26.15
C ARG B 40 -23.97 29.97 -25.73
N GLN B 41 -24.10 28.99 -26.63
CA GLN B 41 -23.65 27.63 -26.38
C GLN B 41 -22.51 27.18 -27.30
N ASN B 42 -22.38 27.76 -28.49
CA ASN B 42 -21.26 27.50 -29.38
C ASN B 42 -20.62 28.84 -29.72
N LEU B 43 -19.30 28.93 -29.53
CA LEU B 43 -18.56 30.16 -29.80
C LEU B 43 -17.38 29.84 -30.71
N TRP B 44 -17.41 30.40 -31.91
CA TRP B 44 -16.35 30.20 -32.90
C TRP B 44 -15.46 31.45 -32.96
N LEU B 45 -14.21 31.31 -32.52
CA LEU B 45 -13.23 32.39 -32.56
C LEU B 45 -12.01 31.98 -33.39
N ASN B 46 -12.09 30.89 -34.13
CA ASN B 46 -10.93 30.38 -34.85
C ASN B 46 -10.56 31.27 -36.04
N ASN B 47 -9.29 31.15 -36.46
CA ASN B 47 -8.77 31.83 -37.65
C ASN B 47 -8.89 33.35 -37.53
N ASN B 48 -8.37 33.87 -36.43
CA ASN B 48 -8.28 35.32 -36.22
C ASN B 48 -6.82 35.66 -35.95
N GLN B 49 -6.57 36.83 -35.37
CA GLN B 49 -5.21 37.21 -34.99
C GLN B 49 -5.15 37.59 -33.53
N ILE B 50 -5.84 36.81 -32.70
CA ILE B 50 -5.86 37.10 -31.27
C ILE B 50 -4.51 36.72 -30.67
N THR B 51 -3.84 37.71 -30.07
CA THR B 51 -2.53 37.48 -29.48
C THR B 51 -2.56 37.31 -27.97
N LYS B 52 -3.60 37.82 -27.31
CA LYS B 52 -3.70 37.69 -25.87
C LYS B 52 -5.16 37.71 -25.48
N LEU B 53 -5.52 36.88 -24.51
CA LEU B 53 -6.83 36.89 -23.88
C LEU B 53 -6.71 37.56 -22.54
N GLU B 54 -7.55 38.56 -22.28
CA GLU B 54 -7.57 39.16 -20.96
C GLU B 54 -8.18 38.19 -19.94
N PRO B 55 -7.80 38.29 -18.67
CA PRO B 55 -8.42 37.43 -17.65
C PRO B 55 -9.93 37.64 -17.63
N GLY B 56 -10.66 36.54 -17.43
CA GLY B 56 -12.11 36.63 -17.32
C GLY B 56 -12.86 36.86 -18.61
N VAL B 57 -12.19 36.73 -19.77
CA VAL B 57 -12.81 37.10 -21.04
C VAL B 57 -14.07 36.29 -21.34
N PHE B 58 -14.19 35.07 -20.80
CA PHE B 58 -15.28 34.15 -21.11
C PHE B 58 -16.23 33.96 -19.95
N ASP B 59 -16.09 34.74 -18.88
CA ASP B 59 -16.73 34.40 -17.61
C ASP B 59 -18.25 34.36 -17.70
N SER B 60 -18.86 35.17 -18.56
CA SER B 60 -20.32 35.18 -18.59
C SER B 60 -20.91 34.01 -19.36
N LEU B 61 -20.10 33.26 -20.11
CA LEU B 61 -20.62 32.30 -21.07
C LEU B 61 -20.75 30.92 -20.44
N THR B 62 -21.57 30.86 -19.38
CA THR B 62 -21.64 29.65 -18.57
C THR B 62 -22.38 28.50 -19.24
N ALA B 63 -23.09 28.76 -20.34
CA ALA B 63 -23.78 27.72 -21.09
C ALA B 63 -22.93 27.14 -22.22
N LEU B 64 -21.68 27.59 -22.39
CA LEU B 64 -20.92 27.14 -23.56
C LEU B 64 -20.66 25.65 -23.52
N THR B 65 -20.90 24.99 -24.65
CA THR B 65 -20.49 23.60 -24.83
C THR B 65 -19.36 23.45 -25.83
N PHE B 66 -19.22 24.39 -26.76
CA PHE B 66 -18.21 24.33 -27.81
C PHE B 66 -17.50 25.68 -27.85
N LEU B 67 -16.16 25.65 -27.76
CA LEU B 67 -15.34 26.86 -27.80
C LEU B 67 -14.15 26.56 -28.68
N ASN B 68 -14.03 27.26 -29.80
CA ASN B 68 -12.90 27.05 -30.71
C ASN B 68 -12.12 28.36 -30.82
N VAL B 69 -10.90 28.38 -30.31
CA VAL B 69 -10.03 29.55 -30.46
C VAL B 69 -8.77 29.12 -31.23
N GLY B 70 -8.92 28.08 -32.06
CA GLY B 70 -7.78 27.61 -32.83
C GLY B 70 -7.37 28.56 -33.92
N ASP B 71 -6.13 28.43 -34.39
CA ASP B 71 -5.62 29.26 -35.47
C ASP B 71 -5.65 30.74 -35.08
N ASN B 72 -5.00 31.03 -33.96
CA ASN B 72 -4.79 32.41 -33.53
C ASN B 72 -3.29 32.53 -33.25
N GLN B 73 -2.92 33.55 -32.48
CA GLN B 73 -1.53 33.83 -32.17
C GLN B 73 -1.29 33.88 -30.65
N LEU B 74 -2.01 33.05 -29.91
CA LEU B 74 -1.90 33.03 -28.46
C LEU B 74 -0.62 32.35 -28.02
N SER B 75 0.08 32.98 -27.08
CA SER B 75 1.29 32.40 -26.49
C SER B 75 1.06 31.87 -25.09
N ALA B 76 -0.04 32.26 -24.46
CA ALA B 76 -0.32 31.86 -23.09
C ALA B 76 -1.82 32.00 -22.89
N LEU B 77 -2.29 31.45 -21.78
CA LEU B 77 -3.66 31.66 -21.33
C LEU B 77 -3.64 32.24 -19.93
N PRO B 78 -4.59 33.10 -19.60
CA PRO B 78 -4.66 33.62 -18.23
C PRO B 78 -5.14 32.52 -17.30
N ILE B 79 -4.65 32.57 -16.06
CA ILE B 79 -5.15 31.65 -15.04
C ILE B 79 -6.66 31.77 -14.93
N GLY B 80 -7.34 30.63 -14.81
CA GLY B 80 -8.77 30.62 -14.56
C GLY B 80 -9.65 30.90 -15.75
N VAL B 81 -9.09 30.98 -16.96
CA VAL B 81 -9.83 31.49 -18.12
C VAL B 81 -11.06 30.65 -18.45
N PHE B 82 -11.01 29.34 -18.19
CA PHE B 82 -12.15 28.49 -18.48
C PHE B 82 -12.94 28.11 -17.22
N ASP B 83 -12.66 28.74 -16.09
CA ASP B 83 -13.17 28.24 -14.81
C ASP B 83 -14.70 28.29 -14.69
N ARG B 84 -15.36 29.17 -15.44
CA ARG B 84 -16.81 29.28 -15.36
C ARG B 84 -17.53 28.43 -16.41
N LEU B 85 -16.79 27.73 -17.28
CA LEU B 85 -17.37 27.03 -18.43
C LEU B 85 -17.70 25.58 -18.06
N ALA B 86 -18.64 25.44 -17.12
CA ALA B 86 -18.95 24.12 -16.53
C ALA B 86 -19.51 23.14 -17.55
N GLN B 87 -20.18 23.62 -18.60
CA GLN B 87 -20.83 22.77 -19.57
C GLN B 87 -19.95 22.43 -20.76
N LEU B 88 -18.71 22.91 -20.76
CA LEU B 88 -17.86 22.79 -21.94
C LEU B 88 -17.58 21.33 -22.26
N THR B 89 -17.85 20.94 -23.50
CA THR B 89 -17.52 19.60 -23.96
C THR B 89 -16.40 19.56 -24.99
N ARG B 90 -16.23 20.61 -25.80
CA ARG B 90 -15.20 20.61 -26.83
C ARG B 90 -14.44 21.92 -26.76
N LEU B 91 -13.11 21.83 -26.69
CA LEU B 91 -12.24 22.99 -26.52
C LEU B 91 -11.15 22.91 -27.57
N GLY B 92 -11.22 23.81 -28.56
CA GLY B 92 -10.23 23.86 -29.61
C GLY B 92 -9.19 24.92 -29.36
N LEU B 93 -7.94 24.49 -29.25
CA LEU B 93 -6.83 25.38 -28.96
C LEU B 93 -5.65 25.14 -29.90
N SER B 94 -5.86 24.39 -30.99
CA SER B 94 -4.78 24.03 -31.90
C SER B 94 -4.29 25.25 -32.69
N HIS B 95 -3.11 25.12 -33.27
CA HIS B 95 -2.58 26.14 -34.19
C HIS B 95 -2.48 27.51 -33.53
N ASN B 96 -2.01 27.54 -32.28
CA ASN B 96 -1.58 28.77 -31.64
C ASN B 96 -0.07 28.69 -31.44
N GLN B 97 0.46 29.43 -30.48
CA GLN B 97 1.89 29.38 -30.17
C GLN B 97 2.11 29.20 -28.67
N PHE B 98 1.23 28.44 -28.01
CA PHE B 98 1.33 28.33 -26.56
C PHE B 98 2.68 27.72 -26.19
N THR B 99 3.40 28.36 -25.28
CA THR B 99 4.65 27.83 -24.78
C THR B 99 4.49 27.13 -23.44
N ALA B 100 3.36 27.35 -22.76
CA ALA B 100 3.06 26.71 -21.50
C ALA B 100 1.58 26.89 -21.25
N LEU B 101 1.04 26.06 -20.38
CA LEU B 101 -0.34 26.21 -19.93
C LEU B 101 -0.34 26.55 -18.46
N PRO B 102 -1.30 27.33 -17.99
CA PRO B 102 -1.33 27.68 -16.56
C PRO B 102 -1.70 26.46 -15.73
N ALA B 103 -1.16 26.42 -14.51
CA ALA B 103 -1.59 25.39 -13.58
C ALA B 103 -3.08 25.55 -13.33
N GLY B 104 -3.80 24.44 -13.40
CA GLY B 104 -5.20 24.38 -13.06
C GLY B 104 -6.14 24.75 -14.18
N VAL B 105 -5.63 25.01 -15.39
CA VAL B 105 -6.47 25.63 -16.41
C VAL B 105 -7.63 24.74 -16.85
N PHE B 106 -7.51 23.41 -16.73
CA PHE B 106 -8.58 22.50 -17.11
C PHE B 106 -9.33 21.92 -15.91
N ASP B 107 -9.05 22.37 -14.70
CA ASP B 107 -9.55 21.71 -13.49
C ASP B 107 -11.08 21.76 -13.36
N LYS B 108 -11.75 22.74 -13.97
CA LYS B 108 -13.19 22.92 -13.81
C LYS B 108 -13.99 22.47 -15.03
N LEU B 109 -13.46 21.56 -15.82
CA LEU B 109 -14.08 21.11 -17.07
C LEU B 109 -14.38 19.62 -17.04
N PRO B 110 -15.19 19.15 -16.09
CA PRO B 110 -15.39 17.70 -15.95
C PRO B 110 -16.21 17.08 -17.08
N LYS B 111 -16.94 17.86 -17.87
CA LYS B 111 -17.70 17.34 -19.01
C LYS B 111 -16.91 17.35 -20.30
N LEU B 112 -15.66 17.81 -20.29
CA LEU B 112 -14.89 17.95 -21.53
C LEU B 112 -14.63 16.58 -22.14
N THR B 113 -15.05 16.40 -23.41
CA THR B 113 -14.76 15.17 -24.14
C THR B 113 -13.63 15.34 -25.15
N HIS B 114 -13.45 16.52 -25.72
CA HIS B 114 -12.43 16.77 -26.72
C HIS B 114 -11.58 17.96 -26.31
N LEU B 115 -10.27 17.78 -26.29
CA LEU B 115 -9.32 18.85 -26.00
C LEU B 115 -8.27 18.84 -27.10
N VAL B 116 -8.18 19.94 -27.86
CA VAL B 116 -7.38 19.99 -29.07
C VAL B 116 -6.21 20.94 -28.82
N LEU B 117 -5.01 20.40 -28.61
CA LEU B 117 -3.83 21.19 -28.27
C LEU B 117 -2.71 21.04 -29.30
N HIS B 118 -3.00 20.45 -30.46
CA HIS B 118 -1.95 20.16 -31.41
C HIS B 118 -1.44 21.43 -32.08
N THR B 119 -0.21 21.36 -32.60
CA THR B 119 0.42 22.44 -33.35
C THR B 119 0.53 23.71 -32.51
N ASN B 120 1.20 23.57 -31.37
CA ASN B 120 1.56 24.70 -30.51
C ASN B 120 3.05 24.62 -30.22
N GLN B 121 3.50 25.32 -29.18
CA GLN B 121 4.91 25.34 -28.81
C GLN B 121 5.11 24.80 -27.40
N LEU B 122 4.31 23.81 -27.02
CA LEU B 122 4.33 23.33 -25.65
C LEU B 122 5.54 22.44 -25.43
N LYS B 123 6.22 22.65 -24.31
CA LYS B 123 7.36 21.84 -23.91
C LYS B 123 7.00 20.77 -22.88
N SER B 124 5.94 20.98 -22.11
CA SER B 124 5.49 19.99 -21.15
C SER B 124 4.06 20.36 -20.75
N ILE B 125 3.46 19.52 -19.91
CA ILE B 125 2.15 19.78 -19.34
C ILE B 125 2.29 19.80 -17.82
N PRO B 126 1.74 20.80 -17.14
CA PRO B 126 1.94 20.89 -15.68
C PRO B 126 1.42 19.64 -14.99
N ARG B 127 2.13 19.21 -13.94
CA ARG B 127 1.76 17.99 -13.23
C ARG B 127 0.31 18.05 -12.77
N GLY B 128 -0.45 16.99 -13.11
CA GLY B 128 -1.84 16.87 -12.72
C GLY B 128 -2.82 17.65 -13.55
N ALA B 129 -2.39 18.25 -14.66
CA ALA B 129 -3.29 19.15 -15.40
C ALA B 129 -4.57 18.46 -15.86
N PHE B 130 -4.54 17.14 -16.04
CA PHE B 130 -5.68 16.42 -16.57
C PHE B 130 -6.44 15.66 -15.49
N ASP B 131 -6.12 15.89 -14.21
CA ASP B 131 -6.68 15.08 -13.11
C ASP B 131 -8.20 15.04 -13.14
N ASN B 132 -8.85 16.14 -13.48
CA ASN B 132 -10.30 16.24 -13.35
C ASN B 132 -11.04 16.05 -14.66
N LEU B 133 -10.34 15.69 -15.73
CA LEU B 133 -10.99 15.53 -17.04
C LEU B 133 -11.58 14.13 -17.18
N LYS B 134 -12.60 13.85 -16.38
CA LYS B 134 -13.10 12.48 -16.31
C LYS B 134 -14.06 12.11 -17.44
N SER B 135 -14.32 13.00 -18.41
CA SER B 135 -15.11 12.70 -19.59
C SER B 135 -14.27 12.67 -20.87
N LEU B 136 -12.95 12.80 -20.77
CA LEU B 136 -12.12 13.08 -21.94
C LEU B 136 -11.93 11.83 -22.78
N THR B 137 -12.47 11.85 -24.01
CA THR B 137 -12.31 10.73 -24.95
C THR B 137 -11.31 11.01 -26.07
N HIS B 138 -10.99 12.28 -26.33
CA HIS B 138 -10.10 12.66 -27.43
C HIS B 138 -9.23 13.82 -26.98
N ILE B 139 -7.92 13.60 -26.94
CA ILE B 139 -6.96 14.68 -26.72
C ILE B 139 -5.93 14.65 -27.85
N TYR B 140 -5.60 15.83 -28.38
CA TYR B 140 -4.68 15.95 -29.50
C TYR B 140 -3.45 16.75 -29.05
N LEU B 141 -2.29 16.13 -29.15
CA LEU B 141 -1.07 16.63 -28.59
C LEU B 141 0.08 16.66 -29.60
N PHE B 142 -0.17 16.27 -30.85
CA PHE B 142 0.89 16.15 -31.83
C PHE B 142 1.40 17.52 -32.27
N ASN B 143 2.56 17.53 -32.93
CA ASN B 143 3.19 18.76 -33.42
C ASN B 143 3.39 19.80 -32.31
N ASN B 144 3.94 19.34 -31.19
CA ASN B 144 4.46 20.21 -30.15
C ASN B 144 5.90 19.78 -29.86
N PRO B 145 6.77 20.75 -29.54
CA PRO B 145 8.20 20.47 -29.25
C PRO B 145 8.42 20.02 -27.82
N TRP B 146 7.88 18.85 -27.49
CA TRP B 146 7.99 18.33 -26.13
C TRP B 146 9.44 18.21 -25.71
N ASP B 147 9.77 18.76 -24.54
CA ASP B 147 11.16 18.77 -24.06
C ASP B 147 11.39 17.53 -23.20
N CYS B 148 11.93 16.47 -23.81
CA CYS B 148 12.06 15.19 -23.13
C CYS B 148 13.31 15.09 -22.26
N GLU B 149 14.22 16.07 -22.31
CA GLU B 149 15.36 16.06 -21.41
C GLU B 149 14.98 16.53 -20.00
N CYS B 150 13.93 17.34 -19.88
CA CYS B 150 13.53 17.92 -18.60
C CYS B 150 12.55 16.98 -17.91
N SER B 151 12.73 16.81 -16.59
CA SER B 151 11.89 15.85 -15.88
C SER B 151 10.43 16.29 -15.78
N ASP B 152 10.11 17.53 -16.14
CA ASP B 152 8.71 17.94 -16.20
C ASP B 152 7.91 17.15 -17.22
N ILE B 153 8.59 16.44 -18.13
CA ILE B 153 7.88 15.66 -19.15
C ILE B 153 7.24 14.42 -18.55
N LEU B 154 7.63 14.01 -17.34
CA LEU B 154 7.24 12.69 -16.86
C LEU B 154 5.74 12.58 -16.62
N TYR B 155 5.08 13.67 -16.22
CA TYR B 155 3.63 13.59 -16.05
C TYR B 155 2.95 13.27 -17.38
N LEU B 156 3.31 13.99 -18.44
CA LEU B 156 2.74 13.71 -19.76
C LEU B 156 3.06 12.28 -20.19
N LYS B 157 4.33 11.86 -20.03
CA LYS B 157 4.71 10.50 -20.40
C LYS B 157 3.83 9.47 -19.70
N ASN B 158 3.74 9.55 -18.37
CA ASN B 158 2.96 8.56 -17.64
C ASN B 158 1.48 8.63 -18.00
N TRP B 159 0.97 9.84 -18.23
CA TRP B 159 -0.47 9.98 -18.48
C TRP B 159 -0.84 9.46 -19.86
N ILE B 160 -0.01 9.74 -20.87
CA ILE B 160 -0.33 9.21 -22.20
C ILE B 160 -0.16 7.70 -22.24
N VAL B 161 0.83 7.15 -21.52
CA VAL B 161 0.95 5.70 -21.44
C VAL B 161 -0.31 5.11 -20.82
N GLN B 162 -0.76 5.69 -19.69
CA GLN B 162 -1.91 5.12 -18.99
C GLN B 162 -3.19 5.17 -19.83
N HIS B 163 -3.39 6.25 -20.61
CA HIS B 163 -4.62 6.52 -21.34
C HIS B 163 -4.40 6.49 -22.85
N ALA B 164 -3.60 5.55 -23.32
CA ALA B 164 -3.11 5.58 -24.70
C ALA B 164 -4.20 5.72 -25.75
N SER B 165 -5.36 5.08 -25.56
CA SER B 165 -6.39 5.09 -26.61
C SER B 165 -7.01 6.47 -26.83
N ILE B 166 -6.92 7.39 -25.87
CA ILE B 166 -7.53 8.69 -26.11
C ILE B 166 -6.56 9.68 -26.73
N VAL B 167 -5.29 9.33 -26.89
CA VAL B 167 -4.27 10.25 -27.38
C VAL B 167 -4.21 10.17 -28.89
N ASN B 168 -4.47 11.29 -29.55
CA ASN B 168 -4.44 11.40 -31.01
C ASN B 168 -5.22 10.27 -31.70
N PRO B 169 -6.49 10.08 -31.37
CA PRO B 169 -7.23 8.95 -31.96
C PRO B 169 -7.25 9.02 -33.47
N HIS B 170 -7.30 7.83 -34.10
CA HIS B 170 -7.26 7.65 -35.54
C HIS B 170 -8.12 8.70 -36.23
N PRO B 171 -7.63 9.35 -37.31
CA PRO B 171 -6.38 9.05 -38.00
C PRO B 171 -5.17 9.89 -37.59
N TYR B 172 -5.13 10.39 -36.35
CA TYR B 172 -4.13 11.39 -35.99
C TYR B 172 -2.85 10.80 -35.39
N GLY B 173 -2.63 9.50 -35.49
CA GLY B 173 -1.34 8.92 -35.22
C GLY B 173 -1.16 8.22 -33.89
N GLY B 174 -2.14 8.33 -32.99
CA GLY B 174 -2.07 7.63 -31.72
C GLY B 174 -1.01 8.17 -30.77
N VAL B 175 -0.75 7.38 -29.73
CA VAL B 175 0.15 7.77 -28.65
C VAL B 175 1.57 8.01 -29.16
N ASP B 176 1.95 7.35 -30.26
CA ASP B 176 3.30 7.49 -30.79
C ASP B 176 3.51 8.81 -31.52
N ASN B 177 2.44 9.52 -31.86
CA ASN B 177 2.54 10.84 -32.45
C ASN B 177 2.65 11.96 -31.42
N VAL B 178 3.19 11.65 -30.24
CA VAL B 178 3.62 12.63 -29.26
C VAL B 178 5.13 12.48 -29.19
N LYS B 179 5.85 13.44 -29.76
CA LYS B 179 7.24 13.24 -30.12
C LYS B 179 8.16 14.25 -29.45
N CYS B 180 9.34 13.78 -29.04
CA CYS B 180 10.32 14.63 -28.40
C CYS B 180 10.95 15.57 -29.41
N SER B 181 11.19 16.81 -28.99
CA SER B 181 11.89 17.76 -29.85
C SER B 181 13.33 17.32 -30.05
N GLY B 182 13.84 17.57 -31.26
CA GLY B 182 15.23 17.31 -31.55
C GLY B 182 15.48 15.89 -32.00
N THR B 183 15.15 14.92 -31.14
CA THR B 183 15.35 13.50 -31.45
C THR B 183 14.16 12.86 -32.14
N ASN B 184 12.96 13.41 -32.00
CA ASN B 184 11.75 12.94 -32.66
C ASN B 184 11.36 11.53 -32.25
N THR B 185 11.85 11.07 -31.12
CA THR B 185 11.43 9.79 -30.58
C THR B 185 10.14 9.95 -29.78
N PRO B 186 9.45 8.85 -29.48
CA PRO B 186 8.18 8.95 -28.75
C PRO B 186 8.37 9.38 -27.30
N VAL B 187 7.56 10.35 -26.88
CA VAL B 187 7.52 10.77 -25.48
C VAL B 187 7.15 9.60 -24.58
N ARG B 188 6.32 8.68 -25.07
CA ARG B 188 5.91 7.53 -24.26
C ARG B 188 7.10 6.67 -23.83
N ALA B 189 8.22 6.76 -24.55
CA ALA B 189 9.40 5.92 -24.34
C ALA B 189 10.43 6.55 -23.39
N VAL B 190 10.20 7.79 -22.95
CA VAL B 190 11.18 8.51 -22.16
C VAL B 190 11.38 7.84 -20.81
N THR B 191 12.63 7.55 -20.47
CA THR B 191 12.97 6.97 -19.19
C THR B 191 13.22 8.08 -18.19
N GLU B 192 12.89 7.81 -16.91
CA GLU B 192 13.18 8.78 -15.86
C GLU B 192 14.67 9.08 -15.77
N ALA B 193 15.51 8.07 -15.97
CA ALA B 193 16.96 8.30 -15.88
C ALA B 193 17.46 9.25 -16.96
N SER B 194 16.79 9.30 -18.12
CA SER B 194 17.23 10.18 -19.20
C SER B 194 16.88 11.64 -18.96
N THR B 195 16.07 11.94 -17.95
CA THR B 195 15.64 13.30 -17.66
C THR B 195 16.37 13.83 -16.43
N SER B 196 16.23 15.14 -16.23
CA SER B 196 16.83 15.79 -15.08
C SER B 196 16.05 17.06 -14.79
N PRO B 197 15.83 17.40 -13.52
CA PRO B 197 15.22 18.70 -13.19
C PRO B 197 16.08 19.90 -13.55
N SER B 198 17.37 19.68 -13.86
CA SER B 198 18.28 20.78 -14.11
C SER B 198 18.23 21.30 -15.54
N LYS B 199 17.65 20.54 -16.47
CA LYS B 199 17.59 20.96 -17.88
C LYS B 199 16.21 21.47 -18.26
N CYS B 200 15.63 22.31 -17.42
CA CYS B 200 14.29 22.82 -17.68
C CYS B 200 14.30 24.32 -17.95
N GLY C 9 12.82 3.99 28.00
CA GLY C 9 13.23 3.43 26.73
C GLY C 9 12.42 2.25 26.22
N GLY C 10 11.64 1.63 27.10
CA GLY C 10 10.94 0.40 26.75
C GLY C 10 9.69 0.65 25.91
N CYS C 11 9.44 -0.25 24.98
CA CYS C 11 8.25 -0.16 24.15
C CYS C 11 7.04 -0.54 24.99
N PRO C 12 5.91 0.15 24.85
CA PRO C 12 4.70 -0.33 25.52
C PRO C 12 4.44 -1.79 25.14
N SER C 13 4.14 -2.60 26.15
CA SER C 13 4.01 -4.04 26.00
C SER C 13 3.06 -4.42 24.86
N GLN C 14 2.00 -3.64 24.66
CA GLN C 14 0.99 -4.00 23.68
C GLN C 14 1.41 -3.61 22.26
N CYS C 15 2.45 -2.82 22.11
CA CYS C 15 2.85 -2.32 20.82
C CYS C 15 4.15 -2.97 20.38
N SER C 16 4.59 -2.67 19.17
CA SER C 16 5.91 -3.09 18.74
C SER C 16 6.66 -1.89 18.23
N CYS C 17 7.97 -1.85 18.51
CA CYS C 17 8.79 -0.70 18.24
C CYS C 17 9.92 -1.11 17.32
N ARG C 18 10.19 -0.27 16.33
CA ARG C 18 11.24 -0.55 15.36
C ARG C 18 11.81 0.80 14.93
N GLY C 19 13.09 1.00 15.15
CA GLY C 19 13.66 2.31 14.86
C GLY C 19 12.99 3.38 15.71
N THR C 20 12.51 4.43 15.05
CA THR C 20 11.82 5.51 15.71
C THR C 20 10.31 5.39 15.60
N THR C 21 9.82 4.24 15.14
CA THR C 21 8.38 4.03 14.95
C THR C 21 7.81 3.20 16.08
N VAL C 22 6.65 3.63 16.58
CA VAL C 22 5.91 2.90 17.60
C VAL C 22 4.61 2.45 16.96
N ASN C 23 4.45 1.13 16.80
CA ASN C 23 3.28 0.56 16.13
C ASN C 23 2.31 0.06 17.18
N CYS C 24 1.23 0.81 17.37
CA CYS C 24 0.16 0.42 18.27
C CYS C 24 -1.16 0.24 17.51
N ASP C 25 -1.11 0.04 16.19
CA ASP C 25 -2.30 -0.08 15.37
C ASP C 25 -2.86 -1.50 15.39
N SER C 26 -4.17 -1.61 15.17
CA SER C 26 -4.83 -2.90 14.93
C SER C 26 -4.63 -3.86 16.11
N ARG C 27 -4.86 -3.35 17.32
CA ARG C 27 -4.55 -4.10 18.53
C ARG C 27 -5.69 -4.08 19.54
N SER C 28 -6.88 -3.72 19.11
CA SER C 28 -8.07 -3.73 19.95
C SER C 28 -7.94 -2.80 21.16
N LEU C 29 -7.15 -1.73 21.03
CA LEU C 29 -6.92 -0.84 22.16
C LEU C 29 -8.15 0.03 22.44
N ALA C 30 -8.41 0.28 23.72
CA ALA C 30 -9.43 1.22 24.11
C ALA C 30 -8.89 2.59 24.48
N SER C 31 -7.58 2.69 24.72
CA SER C 31 -6.91 3.91 25.12
C SER C 31 -5.52 3.94 24.50
N VAL C 32 -4.94 5.13 24.47
CA VAL C 32 -3.53 5.26 24.07
C VAL C 32 -2.66 4.62 25.15
N PRO C 33 -1.76 3.70 24.81
CA PRO C 33 -0.90 3.09 25.84
C PRO C 33 -0.03 4.14 26.52
N ALA C 34 0.14 3.96 27.83
CA ALA C 34 1.04 4.81 28.59
C ALA C 34 2.49 4.41 28.36
N GLY C 35 3.39 5.34 28.63
CA GLY C 35 4.80 5.02 28.60
C GLY C 35 5.46 5.02 27.24
N ILE C 36 4.87 5.68 26.25
CA ILE C 36 5.52 5.72 24.94
C ILE C 36 6.81 6.53 25.05
N PRO C 37 7.94 6.01 24.59
CA PRO C 37 9.21 6.72 24.79
C PRO C 37 9.19 8.08 24.10
N THR C 38 9.65 9.10 24.83
CA THR C 38 9.47 10.48 24.39
C THR C 38 10.34 10.85 23.19
N ASP C 39 11.35 10.06 22.87
CA ASP C 39 12.24 10.36 21.77
C ASP C 39 11.72 9.87 20.42
N ARG C 40 10.65 9.08 20.41
CA ARG C 40 10.22 8.46 19.16
C ARG C 40 9.43 9.44 18.32
N GLN C 41 9.45 9.21 17.01
CA GLN C 41 8.95 10.19 16.06
C GLN C 41 7.75 9.75 15.23
N ASN C 42 7.40 8.46 15.17
CA ASN C 42 6.23 8.03 14.40
C ASN C 42 5.35 7.16 15.30
N LEU C 43 4.07 7.48 15.36
CA LEU C 43 3.15 6.79 16.26
C LEU C 43 1.91 6.40 15.49
N TRP C 44 1.65 5.09 15.40
CA TRP C 44 0.46 4.56 14.75
C TRP C 44 -0.49 4.09 15.83
N LEU C 45 -1.67 4.70 15.90
CA LEU C 45 -2.72 4.32 16.84
C LEU C 45 -4.00 3.95 16.11
N ASN C 46 -3.94 3.78 14.79
CA ASN C 46 -5.11 3.59 13.97
C ASN C 46 -5.69 2.19 14.11
N ASN C 47 -6.96 2.07 13.71
CA ASN C 47 -7.63 0.79 13.65
C ASN C 47 -7.70 0.15 15.03
N ASN C 48 -8.14 0.92 16.01
CA ASN C 48 -8.36 0.41 17.35
C ASN C 48 -9.82 0.70 17.70
N GLN C 49 -10.14 0.68 19.00
CA GLN C 49 -11.46 1.04 19.51
C GLN C 49 -11.35 2.18 20.50
N ILE C 50 -10.50 3.15 20.19
CA ILE C 50 -10.24 4.27 21.10
C ILE C 50 -11.40 5.26 20.99
N THR C 51 -12.05 5.55 22.12
CA THR C 51 -13.25 6.38 22.11
C THR C 51 -13.01 7.79 22.60
N LYS C 52 -11.91 8.05 23.27
CA LYS C 52 -11.60 9.36 23.77
C LYS C 52 -10.09 9.50 23.85
N LEU C 53 -9.60 10.71 23.65
CA LEU C 53 -8.23 11.05 23.98
C LEU C 53 -8.26 11.84 25.27
N GLU C 54 -7.47 11.41 26.25
CA GLU C 54 -7.38 12.19 27.46
C GLU C 54 -6.67 13.51 27.15
N PRO C 55 -7.04 14.58 27.83
CA PRO C 55 -6.28 15.83 27.66
C PRO C 55 -4.84 15.61 28.08
N GLY C 56 -3.92 16.08 27.24
CA GLY C 56 -2.51 15.93 27.49
C GLY C 56 -1.87 14.62 27.09
N VAL C 57 -2.60 13.73 26.40
CA VAL C 57 -2.06 12.40 26.11
C VAL C 57 -0.76 12.48 25.32
N PHE C 58 -0.65 13.46 24.44
CA PHE C 58 0.52 13.52 23.56
C PHE C 58 1.55 14.53 24.03
N ASP C 59 1.35 15.17 25.19
CA ASP C 59 2.16 16.33 25.56
C ASP C 59 3.64 15.99 25.69
N SER C 60 3.97 14.77 26.12
CA SER C 60 5.37 14.37 26.31
C SER C 60 6.06 13.98 25.03
N LEU C 61 5.31 13.73 23.95
CA LEU C 61 5.87 13.17 22.72
C LEU C 61 6.27 14.27 21.75
N THR C 62 7.18 15.13 22.23
CA THR C 62 7.50 16.36 21.53
C THR C 62 8.29 16.14 20.24
N ALA C 63 8.79 14.93 19.97
CA ALA C 63 9.56 14.68 18.78
C ALA C 63 8.72 14.11 17.63
N LEU C 64 7.43 13.84 17.87
CA LEU C 64 6.58 13.23 16.84
C LEU C 64 6.59 14.03 15.53
N THR C 65 6.87 13.33 14.43
CA THR C 65 6.66 13.86 13.09
C THR C 65 5.45 13.25 12.40
N PHE C 66 5.02 12.06 12.81
CA PHE C 66 3.92 11.35 12.18
C PHE C 66 3.02 10.81 13.28
N LEU C 67 1.72 11.09 13.19
CA LEU C 67 0.76 10.61 14.18
C LEU C 67 -0.51 10.21 13.43
N ASN C 68 -0.91 8.95 13.54
CA ASN C 68 -2.12 8.46 12.90
C ASN C 68 -3.04 7.89 13.96
N VAL C 69 -4.20 8.53 14.12
CA VAL C 69 -5.24 8.01 15.00
C VAL C 69 -6.52 7.66 14.22
N GLY C 70 -6.38 7.41 12.92
CA GLY C 70 -7.51 7.12 12.09
C GLY C 70 -8.19 5.82 12.45
N ASP C 71 -9.45 5.69 12.04
CA ASP C 71 -10.20 4.44 12.23
C ASP C 71 -10.29 4.05 13.71
N ASN C 72 -10.83 4.96 14.48
CA ASN C 72 -11.15 4.74 15.89
C ASN C 72 -12.59 5.22 16.09
N GLN C 73 -12.96 5.52 17.32
CA GLN C 73 -14.31 5.97 17.62
C GLN C 73 -14.28 7.32 18.31
N LEU C 74 -13.39 8.20 17.86
CA LEU C 74 -13.22 9.51 18.47
C LEU C 74 -14.33 10.43 18.00
N SER C 75 -14.99 11.10 18.96
CA SER C 75 -16.04 12.07 18.67
C SER C 75 -15.59 13.51 18.86
N ALA C 76 -14.48 13.75 19.55
CA ALA C 76 -14.04 15.10 19.83
C ALA C 76 -12.54 15.08 20.09
N LEU C 77 -11.93 16.25 19.92
CA LEU C 77 -10.54 16.48 20.30
C LEU C 77 -10.49 17.44 21.47
N PRO C 78 -9.76 17.10 22.52
CA PRO C 78 -9.59 18.07 23.61
C PRO C 78 -8.84 19.29 23.14
N ILE C 79 -9.20 20.45 23.71
CA ILE C 79 -8.51 21.69 23.40
C ILE C 79 -7.03 21.52 23.63
N GLY C 80 -6.22 21.94 22.64
CA GLY C 80 -4.77 21.91 22.75
C GLY C 80 -4.11 20.56 22.65
N VAL C 81 -4.82 19.53 22.17
CA VAL C 81 -4.31 18.17 22.26
C VAL C 81 -3.02 17.98 21.46
N PHE C 82 -2.81 18.79 20.43
CA PHE C 82 -1.63 18.67 19.60
C PHE C 82 -0.63 19.79 19.84
N ASP C 83 -0.86 20.64 20.85
CA ASP C 83 -0.13 21.90 20.96
C ASP C 83 1.37 21.71 21.19
N ARG C 84 1.80 20.58 21.76
CA ARG C 84 3.21 20.34 22.01
C ARG C 84 3.93 19.66 20.85
N LEU C 85 3.22 19.30 19.78
CA LEU C 85 3.79 18.48 18.71
C LEU C 85 4.39 19.37 17.60
N ALA C 86 5.42 20.13 17.98
CA ALA C 86 5.95 21.17 17.11
C ALA C 86 6.59 20.62 15.83
N GLN C 87 7.05 19.37 15.83
CA GLN C 87 7.70 18.79 14.67
C GLN C 87 6.74 18.04 13.76
N LEU C 88 5.44 18.02 14.06
CA LEU C 88 4.53 17.15 13.33
C LEU C 88 4.46 17.54 11.86
N THR C 89 4.60 16.56 10.97
CA THR C 89 4.39 16.81 9.56
C THR C 89 3.22 16.05 8.95
N ARG C 90 2.77 14.95 9.56
CA ARG C 90 1.63 14.21 9.04
C ARG C 90 0.70 13.87 10.17
N LEU C 91 -0.57 14.24 10.01
CA LEU C 91 -1.59 14.04 11.04
C LEU C 91 -2.78 13.30 10.42
N GLY C 92 -2.98 12.08 10.86
CA GLY C 92 -4.05 11.22 10.37
C GLY C 92 -5.22 11.15 11.34
N LEU C 93 -6.36 11.70 10.91
CA LEU C 93 -7.57 11.76 11.74
C LEU C 93 -8.78 11.14 11.04
N SER C 94 -8.59 10.41 9.95
CA SER C 94 -9.71 9.96 9.13
C SER C 94 -10.47 8.84 9.82
N HIS C 95 -11.67 8.55 9.34
CA HIS C 95 -12.43 7.40 9.84
C HIS C 95 -12.66 7.47 11.35
N ASN C 96 -13.09 8.64 11.81
CA ASN C 96 -13.57 8.79 13.17
C ASN C 96 -14.98 9.36 13.13
N GLN C 97 -15.42 10.00 14.21
CA GLN C 97 -16.76 10.55 14.28
C GLN C 97 -16.73 11.99 14.76
N PHE C 98 -15.67 12.74 14.43
CA PHE C 98 -15.58 14.13 14.85
C PHE C 98 -16.75 14.91 14.28
N THR C 99 -17.47 15.62 15.14
CA THR C 99 -18.55 16.50 14.71
C THR C 99 -18.13 17.95 14.66
N ALA C 100 -17.07 18.32 15.38
CA ALA C 100 -16.49 19.65 15.28
C ALA C 100 -15.01 19.53 15.59
N LEU C 101 -14.31 20.66 15.45
CA LEU C 101 -12.93 20.76 15.86
C LEU C 101 -12.77 21.98 16.77
N PRO C 102 -11.93 21.87 17.80
CA PRO C 102 -11.64 23.05 18.63
C PRO C 102 -11.04 24.18 17.80
N ALA C 103 -11.42 25.41 18.14
CA ALA C 103 -10.67 26.54 17.65
C ALA C 103 -9.20 26.36 18.02
N GLY C 104 -8.32 26.66 17.07
CA GLY C 104 -6.88 26.63 17.27
C GLY C 104 -6.23 25.27 17.34
N VAL C 105 -6.97 24.19 17.08
CA VAL C 105 -6.44 22.84 17.33
C VAL C 105 -5.20 22.55 16.51
N PHE C 106 -5.08 23.15 15.32
CA PHE C 106 -3.91 22.97 14.46
C PHE C 106 -2.94 24.14 14.48
N ASP C 107 -3.16 25.15 15.33
CA ASP C 107 -2.36 26.38 15.24
C ASP C 107 -0.88 26.16 15.51
N LYS C 108 -0.53 25.14 16.30
CA LYS C 108 0.85 24.90 16.68
C LYS C 108 1.55 23.87 15.79
N LEU C 109 0.98 23.58 14.61
CA LEU C 109 1.55 22.56 13.75
C LEU C 109 1.99 23.13 12.40
N PRO C 110 2.85 24.17 12.39
CA PRO C 110 3.16 24.85 11.11
C PRO C 110 3.90 23.99 10.10
N LYS C 111 4.54 22.90 10.51
CA LYS C 111 5.29 22.05 9.61
C LYS C 111 4.44 20.98 8.91
N LEU C 112 3.13 20.99 9.12
CA LEU C 112 2.28 19.95 8.57
C LEU C 112 2.28 19.98 7.05
N THR C 113 2.59 18.85 6.44
CA THR C 113 2.42 18.67 4.99
C THR C 113 1.17 17.90 4.64
N HIS C 114 0.72 16.98 5.51
CA HIS C 114 -0.46 16.15 5.26
C HIS C 114 -1.39 16.23 6.45
N LEU C 115 -2.65 16.53 6.18
CA LEU C 115 -3.70 16.60 7.20
C LEU C 115 -4.88 15.82 6.68
N VAL C 116 -5.23 14.73 7.36
CA VAL C 116 -6.21 13.78 6.84
C VAL C 116 -7.45 13.83 7.74
N LEU C 117 -8.53 14.43 7.23
CA LEU C 117 -9.76 14.64 7.99
C LEU C 117 -10.95 13.95 7.36
N HIS C 118 -10.72 13.13 6.33
CA HIS C 118 -11.84 12.58 5.58
C HIS C 118 -12.58 11.52 6.39
N THR C 119 -13.85 11.31 6.04
CA THR C 119 -14.68 10.28 6.65
C THR C 119 -14.86 10.53 8.15
N ASN C 120 -15.50 11.67 8.43
CA ASN C 120 -15.85 12.07 9.78
C ASN C 120 -17.25 12.64 9.74
N GLN C 121 -17.63 13.38 10.77
CA GLN C 121 -18.97 13.97 10.84
C GLN C 121 -18.89 15.49 10.93
N LEU C 122 -17.89 16.07 10.28
CA LEU C 122 -17.65 17.50 10.38
C LEU C 122 -18.68 18.27 9.57
N LYS C 123 -19.22 19.34 10.19
CA LYS C 123 -20.19 20.22 9.54
C LYS C 123 -19.56 21.51 9.05
N SER C 124 -18.42 21.92 9.61
CA SER C 124 -17.76 23.16 9.23
C SER C 124 -16.35 23.10 9.82
N ILE C 125 -15.53 24.07 9.42
CA ILE C 125 -14.19 24.24 9.94
C ILE C 125 -14.16 25.59 10.65
N PRO C 126 -13.73 25.67 11.90
CA PRO C 126 -13.72 26.97 12.59
C PRO C 126 -12.89 27.99 11.82
N ARG C 127 -13.39 29.23 11.78
CA ARG C 127 -12.70 30.28 11.04
C ARG C 127 -11.23 30.36 11.42
N GLY C 128 -10.36 30.34 10.41
CA GLY C 128 -8.94 30.49 10.61
C GLY C 128 -8.18 29.23 10.97
N ALA C 129 -8.85 28.08 11.03
CA ALA C 129 -8.24 26.88 11.60
C ALA C 129 -7.02 26.41 10.83
N PHE C 130 -6.94 26.71 9.54
CA PHE C 130 -5.82 26.25 8.71
C PHE C 130 -4.80 27.37 8.43
N ASP C 131 -4.97 28.54 9.04
CA ASP C 131 -4.22 29.71 8.61
C ASP C 131 -2.72 29.60 8.86
N ASN C 132 -2.28 28.83 9.86
CA ASN C 132 -0.85 28.66 10.12
C ASN C 132 -0.23 27.50 9.35
N LEU C 133 -1.02 26.77 8.58
CA LEU C 133 -0.55 25.55 7.93
C LEU C 133 0.04 25.86 6.54
N LYS C 134 1.12 26.66 6.58
CA LYS C 134 1.71 27.23 5.37
C LYS C 134 2.51 26.22 4.55
N SER C 135 2.71 25.01 5.06
CA SER C 135 3.48 23.99 4.37
C SER C 135 2.63 22.84 3.85
N LEU C 136 1.31 22.95 3.92
CA LEU C 136 0.44 21.84 3.52
C LEU C 136 0.60 21.52 2.03
N THR C 137 0.75 20.24 1.71
CA THR C 137 0.69 19.79 0.33
C THR C 137 -0.50 18.88 0.05
N HIS C 138 -1.10 18.30 1.09
CA HIS C 138 -2.23 17.39 0.92
C HIS C 138 -3.16 17.55 2.11
N ILE C 139 -4.40 17.97 1.86
CA ILE C 139 -5.42 17.99 2.88
C ILE C 139 -6.63 17.22 2.37
N TYR C 140 -7.19 16.36 3.23
CA TYR C 140 -8.30 15.50 2.82
C TYR C 140 -9.52 15.86 3.63
N LEU C 141 -10.58 16.23 2.94
CA LEU C 141 -11.78 16.77 3.56
C LEU C 141 -13.03 16.05 3.09
N PHE C 142 -12.89 15.04 2.25
CA PHE C 142 -14.05 14.42 1.61
C PHE C 142 -14.79 13.52 2.60
N ASN C 143 -15.97 13.09 2.21
CA ASN C 143 -16.83 12.26 3.05
C ASN C 143 -17.03 12.86 4.44
N ASN C 144 -17.46 14.12 4.46
CA ASN C 144 -17.97 14.79 5.66
C ASN C 144 -19.26 15.49 5.29
N PRO C 145 -20.21 15.57 6.23
CA PRO C 145 -21.54 16.18 5.94
C PRO C 145 -21.53 17.69 6.13
N TRP C 146 -20.80 18.38 5.23
CA TRP C 146 -20.61 19.82 5.37
C TRP C 146 -21.95 20.52 5.30
N ASP C 147 -22.20 21.43 6.25
CA ASP C 147 -23.48 22.10 6.41
C ASP C 147 -23.42 23.41 5.62
N CYS C 148 -23.91 23.37 4.39
CA CYS C 148 -23.73 24.52 3.52
C CYS C 148 -24.75 25.63 3.75
N GLU C 149 -25.83 25.35 4.49
CA GLU C 149 -26.79 26.42 4.79
C GLU C 149 -26.25 27.40 5.82
N CYS C 150 -25.39 26.94 6.72
CA CYS C 150 -24.88 27.77 7.81
C CYS C 150 -23.73 28.65 7.31
N SER C 151 -23.74 29.92 7.75
CA SER C 151 -22.68 30.85 7.33
C SER C 151 -21.29 30.45 7.81
N ASP C 152 -21.19 29.54 8.79
CA ASP C 152 -19.88 29.06 9.23
C ASP C 152 -19.14 28.32 8.12
N ILE C 153 -19.84 27.90 7.07
CA ILE C 153 -19.18 27.20 5.98
C ILE C 153 -18.28 28.12 5.17
N LEU C 154 -18.45 29.44 5.30
CA LEU C 154 -17.79 30.35 4.37
C LEU C 154 -16.27 30.32 4.51
N TYR C 155 -15.73 30.13 5.71
CA TYR C 155 -14.29 29.99 5.84
C TYR C 155 -13.78 28.83 5.00
N LEU C 156 -14.39 27.65 5.16
CA LEU C 156 -13.95 26.51 4.39
C LEU C 156 -14.10 26.75 2.90
N LYS C 157 -15.22 27.35 2.49
CA LYS C 157 -15.45 27.61 1.07
C LYS C 157 -14.33 28.46 0.47
N ASN C 158 -14.06 29.61 1.09
CA ASN C 158 -13.05 30.49 0.55
C ASN C 158 -11.65 29.90 0.69
N TRP C 159 -11.41 29.10 1.73
CA TRP C 159 -10.09 28.52 1.91
C TRP C 159 -9.80 27.47 0.85
N ILE C 160 -10.76 26.59 0.57
CA ILE C 160 -10.55 25.58 -0.49
C ILE C 160 -10.44 26.24 -1.87
N VAL C 161 -11.14 27.34 -2.12
CA VAL C 161 -10.97 28.03 -3.39
C VAL C 161 -9.52 28.54 -3.52
N GLN C 162 -9.01 29.18 -2.47
CA GLN C 162 -7.64 29.71 -2.50
C GLN C 162 -6.62 28.59 -2.63
N HIS C 163 -6.85 27.45 -1.97
CA HIS C 163 -5.87 26.37 -1.89
C HIS C 163 -6.31 25.12 -2.65
N ALA C 164 -6.98 25.31 -3.80
CA ALA C 164 -7.63 24.19 -4.46
C ALA C 164 -6.66 23.08 -4.83
N SER C 165 -5.42 23.42 -5.18
CA SER C 165 -4.53 22.38 -5.70
C SER C 165 -4.08 21.39 -4.64
N ILE C 166 -4.24 21.71 -3.35
CA ILE C 166 -3.84 20.79 -2.29
C ILE C 166 -5.02 20.01 -1.70
N VAL C 167 -6.24 20.26 -2.16
CA VAL C 167 -7.40 19.64 -1.51
C VAL C 167 -7.79 18.37 -2.26
N ASN C 168 -7.82 17.25 -1.49
CA ASN C 168 -8.10 15.92 -1.99
C ASN C 168 -7.34 15.58 -3.29
N PRO C 169 -6.03 15.80 -3.34
CA PRO C 169 -5.32 15.58 -4.63
C PRO C 169 -5.57 14.17 -5.15
N HIS C 170 -5.66 14.05 -6.47
CA HIS C 170 -5.80 12.78 -7.16
C HIS C 170 -4.93 11.74 -6.47
N PRO C 171 -5.46 10.54 -6.16
CA PRO C 171 -6.73 9.96 -6.59
C PRO C 171 -7.94 10.18 -5.65
N TYR C 172 -7.99 11.30 -4.92
CA TYR C 172 -9.00 11.45 -3.88
C TYR C 172 -10.11 12.43 -4.24
N GLY C 173 -10.22 12.81 -5.50
CA GLY C 173 -11.42 13.50 -5.96
C GLY C 173 -11.28 14.99 -6.21
N GLY C 174 -10.22 15.62 -5.73
CA GLY C 174 -10.05 17.04 -5.95
C GLY C 174 -10.99 17.91 -5.12
N VAL C 175 -10.94 19.21 -5.43
CA VAL C 175 -11.67 20.19 -4.63
C VAL C 175 -13.17 20.00 -4.72
N ASP C 176 -13.67 19.47 -5.83
CA ASP C 176 -15.11 19.26 -5.93
C ASP C 176 -15.61 18.09 -5.09
N ASN C 177 -14.70 17.31 -4.51
CA ASN C 177 -15.07 16.24 -3.61
C ASN C 177 -15.23 16.72 -2.16
N VAL C 178 -15.35 18.03 -1.95
CA VAL C 178 -15.83 18.60 -0.69
C VAL C 178 -17.28 18.96 -0.97
N LYS C 179 -18.22 18.14 -0.48
CA LYS C 179 -19.60 18.16 -0.92
C LYS C 179 -20.56 18.55 0.21
N CYS C 180 -21.54 19.38 -0.13
CA CYS C 180 -22.57 19.79 0.81
C CYS C 180 -23.47 18.62 1.16
N SER C 181 -23.81 18.51 2.45
CA SER C 181 -24.73 17.45 2.86
C SER C 181 -26.10 17.68 2.22
N GLY C 182 -26.80 16.58 1.94
CA GLY C 182 -28.12 16.62 1.35
C GLY C 182 -28.12 16.90 -0.15
N THR C 183 -27.69 18.10 -0.53
CA THR C 183 -27.71 18.49 -1.94
C THR C 183 -26.55 17.91 -2.74
N ASN C 184 -25.46 17.51 -2.08
CA ASN C 184 -24.31 16.86 -2.74
C ASN C 184 -23.65 17.74 -3.80
N THR C 185 -23.81 19.04 -3.68
CA THR C 185 -23.15 20.00 -4.56
C THR C 185 -21.82 20.47 -3.94
N PRO C 186 -20.92 21.04 -4.73
CA PRO C 186 -19.60 21.40 -4.18
C PRO C 186 -19.65 22.56 -3.19
N VAL C 187 -18.96 22.40 -2.06
CA VAL C 187 -18.80 23.46 -1.09
C VAL C 187 -18.17 24.70 -1.74
N ARG C 188 -17.23 24.49 -2.68
CA ARG C 188 -16.54 25.62 -3.27
C ARG C 188 -17.48 26.56 -4.02
N ALA C 189 -18.68 26.07 -4.39
CA ALA C 189 -19.66 26.83 -5.14
C ALA C 189 -20.73 27.48 -4.28
N VAL C 190 -20.60 27.39 -2.95
CA VAL C 190 -21.62 27.96 -2.08
C VAL C 190 -21.61 29.47 -2.21
N THR C 191 -22.77 30.06 -2.45
CA THR C 191 -22.89 31.52 -2.50
C THR C 191 -23.16 32.03 -1.09
N GLU C 192 -22.55 33.17 -0.76
CA GLU C 192 -22.77 33.78 0.55
C GLU C 192 -24.25 34.05 0.78
N ALA C 193 -24.96 34.49 -0.25
CA ALA C 193 -26.38 34.80 -0.11
C ALA C 193 -27.24 33.57 0.18
N SER C 194 -26.75 32.36 -0.12
CA SER C 194 -27.50 31.16 0.18
C SER C 194 -27.31 30.69 1.62
N THR C 195 -26.35 31.27 2.34
CA THR C 195 -26.10 30.93 3.73
C THR C 195 -26.77 31.95 4.65
N SER C 196 -26.93 31.56 5.91
CA SER C 196 -27.51 32.44 6.91
C SER C 196 -26.94 32.12 8.29
N PRO C 197 -26.68 33.14 9.10
CA PRO C 197 -26.28 32.89 10.50
C PRO C 197 -27.38 32.25 11.34
N SER C 198 -28.63 32.26 10.88
CA SER C 198 -29.72 31.67 11.63
C SER C 198 -29.89 30.18 11.39
N LYS C 199 -29.25 29.62 10.36
CA LYS C 199 -29.33 28.19 10.10
C LYS C 199 -28.12 27.43 10.61
N CYS C 200 -27.54 27.86 11.73
CA CYS C 200 -26.31 27.25 12.24
C CYS C 200 -26.54 26.32 13.44
N GLY D 9 5.71 9.51 -6.26
CA GLY D 9 5.22 9.01 -4.99
C GLY D 9 5.27 7.48 -4.88
N GLY D 10 5.65 6.80 -5.96
CA GLY D 10 5.60 5.35 -5.98
C GLY D 10 6.74 4.69 -5.22
N CYS D 11 6.46 3.49 -4.72
CA CYS D 11 7.40 2.70 -3.92
C CYS D 11 8.22 1.80 -4.82
N PRO D 12 9.54 1.79 -4.69
CA PRO D 12 10.37 0.88 -5.50
C PRO D 12 9.86 -0.56 -5.41
N SER D 13 9.92 -1.26 -6.55
CA SER D 13 9.30 -2.57 -6.68
C SER D 13 9.82 -3.55 -5.64
N GLN D 14 11.11 -3.46 -5.30
CA GLN D 14 11.70 -4.44 -4.39
C GLN D 14 11.45 -4.11 -2.92
N CYS D 15 10.88 -2.94 -2.64
CA CYS D 15 10.65 -2.47 -1.29
C CYS D 15 9.17 -2.44 -0.99
N SER D 16 8.85 -2.09 0.25
CA SER D 16 7.47 -1.85 0.66
C SER D 16 7.39 -0.57 1.48
N CYS D 17 6.35 0.21 1.23
CA CYS D 17 6.20 1.54 1.81
C CYS D 17 4.95 1.58 2.70
N ARG D 18 5.07 2.27 3.84
CA ARG D 18 3.97 2.39 4.79
C ARG D 18 4.10 3.72 5.49
N GLY D 19 3.07 4.54 5.42
CA GLY D 19 3.15 5.86 6.02
C GLY D 19 4.32 6.62 5.42
N THR D 20 5.23 7.10 6.27
CA THR D 20 6.38 7.84 5.79
C THR D 20 7.65 7.00 5.78
N THR D 21 7.51 5.68 5.80
CA THR D 21 8.65 4.76 5.86
C THR D 21 8.81 4.02 4.55
N VAL D 22 10.06 3.88 4.10
CA VAL D 22 10.42 3.07 2.95
C VAL D 22 11.26 1.91 3.47
N ASN D 23 10.72 0.68 3.37
CA ASN D 23 11.39 -0.51 3.88
C ASN D 23 12.08 -1.22 2.72
N CYS D 24 13.39 -1.05 2.63
CA CYS D 24 14.21 -1.78 1.67
C CYS D 24 15.21 -2.71 2.37
N ASP D 25 14.96 -3.05 3.63
CA ASP D 25 15.89 -3.85 4.41
C ASP D 25 15.71 -5.33 4.13
N SER D 26 16.80 -6.10 4.29
CA SER D 26 16.73 -7.57 4.33
C SER D 26 16.18 -8.15 3.03
N ARG D 27 16.65 -7.63 1.89
CA ARG D 27 16.08 -8.01 0.60
C ARG D 27 17.15 -8.43 -0.40
N SER D 28 18.34 -8.75 0.08
CA SER D 28 19.43 -9.26 -0.76
C SER D 28 19.82 -8.25 -1.84
N LEU D 29 19.70 -6.97 -1.54
CA LEU D 29 19.97 -5.93 -2.54
C LEU D 29 21.46 -5.75 -2.73
N ALA D 30 21.86 -5.58 -3.99
CA ALA D 30 23.24 -5.22 -4.30
C ALA D 30 23.45 -3.72 -4.40
N SER D 31 22.39 -2.94 -4.59
CA SER D 31 22.49 -1.51 -4.82
C SER D 31 21.29 -0.84 -4.18
N VAL D 32 21.41 0.46 -3.94
CA VAL D 32 20.25 1.23 -3.50
C VAL D 32 19.22 1.29 -4.63
N PRO D 33 17.98 0.89 -4.39
CA PRO D 33 16.99 0.88 -5.47
C PRO D 33 16.74 2.29 -5.99
N ALA D 34 16.45 2.36 -7.29
CA ALA D 34 16.02 3.61 -7.92
C ALA D 34 14.58 3.92 -7.52
N GLY D 35 14.24 5.20 -7.57
CA GLY D 35 12.85 5.61 -7.44
C GLY D 35 12.34 5.77 -6.02
N ILE D 36 13.22 5.97 -5.05
CA ILE D 36 12.73 6.16 -3.68
C ILE D 36 11.98 7.48 -3.58
N PRO D 37 10.75 7.50 -3.08
CA PRO D 37 9.94 8.73 -3.12
C PRO D 37 10.56 9.81 -2.22
N THR D 38 10.54 11.05 -2.71
CA THR D 38 11.31 12.12 -2.09
C THR D 38 10.63 12.74 -0.87
N ASP D 39 9.37 12.42 -0.59
CA ASP D 39 8.68 13.02 0.54
C ASP D 39 8.78 12.20 1.81
N ARG D 40 9.30 10.97 1.75
CA ARG D 40 9.28 10.10 2.91
C ARG D 40 10.41 10.44 3.87
N GLN D 41 10.24 9.98 5.12
CA GLN D 41 11.14 10.39 6.20
C GLN D 41 11.95 9.28 6.82
N ASN D 42 11.59 8.00 6.64
CA ASN D 42 12.38 6.90 7.20
C ASN D 42 12.80 5.99 6.06
N LEU D 43 14.09 5.70 5.96
CA LEU D 43 14.59 4.82 4.92
C LEU D 43 15.44 3.73 5.54
N TRP D 44 15.01 2.48 5.39
CA TRP D 44 15.74 1.30 5.86
C TRP D 44 16.38 0.62 4.66
N LEU D 45 17.71 0.60 4.62
CA LEU D 45 18.46 -0.10 3.60
C LEU D 45 19.39 -1.14 4.20
N ASN D 46 19.18 -1.44 5.47
CA ASN D 46 20.07 -2.28 6.24
C ASN D 46 19.88 -3.76 5.91
N ASN D 47 20.90 -4.55 6.26
CA ASN D 47 20.86 -6.00 6.08
C ASN D 47 20.70 -6.39 4.61
N ASN D 48 21.54 -5.81 3.76
CA ASN D 48 21.58 -6.16 2.35
C ASN D 48 23.00 -6.53 2.00
N GLN D 49 23.32 -6.51 0.70
CA GLN D 49 24.69 -6.76 0.24
C GLN D 49 25.16 -5.60 -0.61
N ILE D 50 24.89 -4.38 -0.14
CA ILE D 50 25.23 -3.18 -0.89
C ILE D 50 26.71 -2.85 -0.66
N THR D 51 27.47 -2.76 -1.75
CA THR D 51 28.91 -2.56 -1.65
C THR D 51 29.34 -1.12 -1.84
N LYS D 52 28.49 -0.26 -2.42
CA LYS D 52 28.88 1.12 -2.63
C LYS D 52 27.66 2.02 -2.56
N LEU D 53 27.89 3.28 -2.25
CA LEU D 53 26.89 4.33 -2.37
C LEU D 53 27.33 5.26 -3.49
N GLU D 54 26.52 5.36 -4.54
CA GLU D 54 26.87 6.28 -5.61
C GLU D 54 26.84 7.70 -5.07
N PRO D 55 27.78 8.55 -5.47
CA PRO D 55 27.67 9.96 -5.11
C PRO D 55 26.31 10.48 -5.51
N GLY D 56 25.64 11.12 -4.57
CA GLY D 56 24.37 11.75 -4.82
C GLY D 56 23.14 10.89 -4.60
N VAL D 57 23.29 9.63 -4.16
CA VAL D 57 22.14 8.73 -4.04
C VAL D 57 21.06 9.33 -3.15
N PHE D 58 21.44 10.07 -2.12
CA PHE D 58 20.48 10.59 -1.16
C PHE D 58 20.15 12.06 -1.38
N ASP D 59 20.67 12.68 -2.44
CA ASP D 59 20.55 14.13 -2.60
C ASP D 59 19.09 14.58 -2.69
N SER D 60 18.21 13.76 -3.23
CA SER D 60 16.83 14.16 -3.41
C SER D 60 15.96 13.91 -2.19
N LEU D 61 16.46 13.17 -1.19
CA LEU D 61 15.63 12.76 -0.05
C LEU D 61 15.77 13.76 1.10
N THR D 62 15.39 14.99 0.82
CA THR D 62 15.62 16.08 1.77
C THR D 62 14.74 15.99 3.00
N ALA D 63 13.70 15.15 3.01
CA ALA D 63 12.84 15.05 4.18
C ALA D 63 13.28 13.98 5.17
N LEU D 64 14.34 13.23 4.89
CA LEU D 64 14.70 12.11 5.75
C LEU D 64 15.00 12.56 7.16
N THR D 65 14.40 11.89 8.14
CA THR D 65 14.84 11.99 9.53
C THR D 65 15.56 10.75 10.03
N PHE D 66 15.34 9.59 9.40
CA PHE D 66 15.92 8.31 9.81
C PHE D 66 16.51 7.64 8.59
N LEU D 67 17.78 7.25 8.66
CA LEU D 67 18.42 6.54 7.57
C LEU D 67 19.28 5.42 8.16
N ASN D 68 19.03 4.19 7.75
CA ASN D 68 19.78 3.04 8.24
C ASN D 68 20.39 2.27 7.06
N VAL D 69 21.71 2.28 6.96
CA VAL D 69 22.43 1.53 5.96
C VAL D 69 23.31 0.46 6.60
N GLY D 70 22.99 0.08 7.84
CA GLY D 70 23.83 -0.86 8.56
C GLY D 70 23.76 -2.26 7.99
N ASP D 71 24.78 -3.07 8.32
CA ASP D 71 24.83 -4.46 7.87
C ASP D 71 24.80 -4.56 6.34
N ASN D 72 25.76 -3.87 5.74
CA ASN D 72 26.02 -3.95 4.31
C ASN D 72 27.51 -4.22 4.16
N GLN D 73 28.05 -3.95 2.98
CA GLN D 73 29.46 -4.15 2.69
C GLN D 73 30.11 -2.85 2.24
N LEU D 74 29.72 -1.74 2.88
CA LEU D 74 30.24 -0.44 2.51
C LEU D 74 31.64 -0.24 3.08
N SER D 75 32.58 0.18 2.24
CA SER D 75 33.94 0.48 2.67
C SER D 75 34.25 1.96 2.74
N ALA D 76 33.44 2.80 2.09
CA ALA D 76 33.69 4.22 2.11
C ALA D 76 32.36 4.93 1.93
N LEU D 77 32.38 6.20 2.25
CA LEU D 77 31.27 7.09 1.96
C LEU D 77 31.75 8.13 0.96
N PRO D 78 31.00 8.41 -0.11
CA PRO D 78 31.39 9.51 -0.98
C PRO D 78 31.38 10.83 -0.22
N ILE D 79 32.24 11.75 -0.64
CA ILE D 79 32.26 13.10 -0.07
C ILE D 79 30.89 13.73 -0.25
N GLY D 80 30.34 14.26 0.84
CA GLY D 80 29.09 14.99 0.78
C GLY D 80 27.84 14.14 0.71
N VAL D 81 27.95 12.83 0.96
CA VAL D 81 26.83 11.92 0.71
C VAL D 81 25.59 12.30 1.53
N PHE D 82 25.78 12.91 2.70
CA PHE D 82 24.66 13.26 3.57
C PHE D 82 24.31 14.75 3.57
N ASP D 83 24.95 15.54 2.69
CA ASP D 83 24.91 17.00 2.83
C ASP D 83 23.51 17.59 2.63
N ARG D 84 22.62 16.93 1.88
CA ARG D 84 21.27 17.44 1.70
C ARG D 84 20.29 16.96 2.77
N LEU D 85 20.73 16.11 3.69
CA LEU D 85 19.81 15.50 4.67
C LEU D 85 19.70 16.36 5.93
N ALA D 86 19.24 17.59 5.75
CA ALA D 86 19.26 18.56 6.83
C ALA D 86 18.34 18.21 8.00
N GLN D 87 17.33 17.37 7.78
CA GLN D 87 16.39 16.98 8.83
C GLN D 87 16.83 15.72 9.57
N LEU D 88 17.97 15.14 9.23
CA LEU D 88 18.33 13.83 9.74
C LEU D 88 18.51 13.87 11.26
N THR D 89 17.85 12.94 11.96
CA THR D 89 18.06 12.78 13.40
C THR D 89 18.68 11.45 13.79
N ARG D 90 18.56 10.41 12.96
CA ARG D 90 19.18 9.12 13.30
C ARG D 90 19.89 8.56 12.09
N LEU D 91 21.16 8.21 12.26
CA LEU D 91 21.99 7.75 11.16
C LEU D 91 22.64 6.43 11.56
N GLY D 92 22.28 5.35 10.87
CA GLY D 92 22.76 4.04 11.21
C GLY D 92 23.76 3.54 10.19
N LEU D 93 25.00 3.35 10.63
CA LEU D 93 26.09 2.96 9.75
C LEU D 93 26.83 1.75 10.30
N SER D 94 26.25 1.04 11.27
CA SER D 94 26.97 -0.04 11.93
C SER D 94 27.11 -1.25 11.02
N HIS D 95 28.01 -2.15 11.39
CA HIS D 95 28.16 -3.42 10.70
C HIS D 95 28.44 -3.21 9.22
N ASN D 96 29.41 -2.35 8.93
CA ASN D 96 29.94 -2.22 7.59
C ASN D 96 31.44 -2.44 7.66
N GLN D 97 32.19 -1.93 6.68
CA GLN D 97 33.65 -2.08 6.68
C GLN D 97 34.33 -0.75 6.42
N PHE D 98 33.75 0.33 6.92
CA PHE D 98 34.36 1.64 6.73
C PHE D 98 35.74 1.63 7.38
N THR D 99 36.77 1.96 6.58
CA THR D 99 38.12 2.11 7.11
C THR D 99 38.45 3.55 7.47
N ALA D 100 37.74 4.51 6.88
CA ALA D 100 37.91 5.91 7.19
C ALA D 100 36.60 6.61 6.88
N LEU D 101 36.50 7.86 7.32
CA LEU D 101 35.35 8.71 7.03
C LEU D 101 35.82 10.00 6.35
N PRO D 102 35.09 10.50 5.37
CA PRO D 102 35.46 11.78 4.75
C PRO D 102 35.40 12.91 5.76
N ALA D 103 36.29 13.89 5.59
CA ALA D 103 36.25 15.07 6.42
C ALA D 103 34.95 15.83 6.18
N GLY D 104 34.33 16.29 7.26
CA GLY D 104 33.08 17.02 7.16
C GLY D 104 31.86 16.21 6.77
N VAL D 105 31.93 14.88 6.83
CA VAL D 105 30.84 14.03 6.36
C VAL D 105 29.56 14.22 7.16
N PHE D 106 29.65 14.64 8.42
CA PHE D 106 28.48 14.87 9.25
C PHE D 106 28.19 16.35 9.50
N ASP D 107 28.94 17.26 8.86
CA ASP D 107 28.85 18.68 9.22
C ASP D 107 27.45 19.24 8.99
N LYS D 108 26.75 18.76 7.97
CA LYS D 108 25.45 19.29 7.63
C LYS D 108 24.31 18.60 8.38
N LEU D 109 24.60 17.84 9.43
CA LEU D 109 23.60 17.06 10.15
C LEU D 109 23.45 17.49 11.60
N PRO D 110 23.14 18.78 11.86
CA PRO D 110 23.13 19.26 13.25
C PRO D 110 22.03 18.68 14.12
N LYS D 111 20.97 18.11 13.53
CA LYS D 111 19.85 17.60 14.31
C LYS D 111 20.06 16.16 14.79
N LEU D 112 21.23 15.58 14.54
CA LEU D 112 21.44 14.17 14.86
C LEU D 112 21.35 13.95 16.36
N THR D 113 20.52 12.98 16.76
CA THR D 113 20.50 12.48 18.13
C THR D 113 21.18 11.15 18.27
N HIS D 114 21.16 10.32 17.23
CA HIS D 114 21.73 8.98 17.25
C HIS D 114 22.67 8.84 16.08
N LEU D 115 23.94 8.50 16.36
CA LEU D 115 24.91 8.19 15.31
C LEU D 115 25.50 6.83 15.63
N VAL D 116 25.30 5.86 14.75
CA VAL D 116 25.68 4.48 15.04
C VAL D 116 26.84 4.10 14.12
N LEU D 117 28.05 4.03 14.68
CA LEU D 117 29.26 3.75 13.92
C LEU D 117 29.95 2.46 14.34
N HIS D 118 29.33 1.66 15.21
CA HIS D 118 30.05 0.52 15.77
C HIS D 118 30.19 -0.59 14.74
N THR D 119 31.14 -1.48 15.00
CA THR D 119 31.40 -2.66 14.19
C THR D 119 31.74 -2.28 12.74
N ASN D 120 32.85 -1.54 12.60
CA ASN D 120 33.39 -1.13 11.32
C ASN D 120 34.89 -1.36 11.40
N GLN D 121 35.66 -0.70 10.52
CA GLN D 121 37.11 -0.82 10.48
C GLN D 121 37.80 0.53 10.68
N LEU D 122 37.17 1.41 11.45
CA LEU D 122 37.68 2.76 11.59
C LEU D 122 38.93 2.77 12.47
N LYS D 123 39.92 3.55 12.06
CA LYS D 123 41.13 3.72 12.85
C LYS D 123 41.19 5.04 13.60
N SER D 124 40.46 6.04 13.12
CA SER D 124 40.40 7.33 13.78
C SER D 124 39.17 8.04 13.27
N ILE D 125 38.88 9.20 13.86
CA ILE D 125 37.81 10.10 13.45
C ILE D 125 38.48 11.39 13.00
N PRO D 126 38.19 11.90 11.79
CA PRO D 126 38.86 13.13 11.34
C PRO D 126 38.63 14.29 12.30
N ARG D 127 39.62 15.17 12.41
CA ARG D 127 39.55 16.26 13.38
C ARG D 127 38.32 17.11 13.15
N GLY D 128 37.54 17.32 14.20
CA GLY D 128 36.37 18.18 14.12
C GLY D 128 35.12 17.53 13.56
N ALA D 129 35.15 16.22 13.30
CA ALA D 129 34.06 15.58 12.56
C ALA D 129 32.73 15.63 13.30
N PHE D 130 32.76 15.72 14.62
CA PHE D 130 31.56 15.74 15.45
C PHE D 130 31.21 17.13 15.96
N ASP D 131 31.92 18.17 15.50
CA ASP D 131 31.80 19.48 16.14
C ASP D 131 30.42 20.11 15.95
N ASN D 132 29.73 19.79 14.88
CA ASN D 132 28.41 20.34 14.64
C ASN D 132 27.28 19.51 15.23
N LEU D 133 27.60 18.38 15.86
CA LEU D 133 26.58 17.42 16.30
C LEU D 133 26.19 17.68 17.76
N LYS D 134 25.68 18.88 18.01
CA LYS D 134 25.40 19.33 19.37
C LYS D 134 24.11 18.76 19.97
N SER D 135 23.32 18.00 19.22
CA SER D 135 22.09 17.39 19.75
C SER D 135 22.23 15.90 20.04
N LEU D 136 23.43 15.34 19.93
CA LEU D 136 23.61 13.91 20.12
C LEU D 136 23.22 13.49 21.53
N THR D 137 22.44 12.41 21.61
CA THR D 137 22.19 11.72 22.86
C THR D 137 22.81 10.33 22.91
N HIS D 138 23.13 9.74 21.76
CA HIS D 138 23.68 8.38 21.71
C HIS D 138 24.63 8.29 20.53
N ILE D 139 25.90 7.99 20.79
CA ILE D 139 26.85 7.70 19.73
C ILE D 139 27.53 6.37 20.04
N TYR D 140 27.61 5.49 19.05
CA TYR D 140 28.15 4.15 19.23
C TYR D 140 29.44 4.02 18.42
N LEU D 141 30.53 3.75 19.13
CA LEU D 141 31.87 3.74 18.55
C LEU D 141 32.60 2.43 18.82
N PHE D 142 31.98 1.48 19.52
CA PHE D 142 32.68 0.27 19.92
C PHE D 142 32.94 -0.64 18.72
N ASN D 143 33.79 -1.64 18.96
CA ASN D 143 34.16 -2.63 17.94
C ASN D 143 34.67 -1.97 16.66
N ASN D 144 35.63 -1.07 16.82
CA ASN D 144 36.45 -0.55 15.74
C ASN D 144 37.90 -0.65 16.15
N PRO D 145 38.81 -0.87 15.17
CA PRO D 145 40.24 -1.06 15.48
C PRO D 145 40.97 0.28 15.60
N TRP D 146 40.60 1.05 16.62
CA TRP D 146 41.17 2.38 16.78
C TRP D 146 42.68 2.31 16.90
N ASP D 147 43.38 3.19 16.16
CA ASP D 147 44.84 3.19 16.11
C ASP D 147 45.35 4.24 17.09
N CYS D 148 45.76 3.79 18.26
CA CYS D 148 46.13 4.69 19.33
C CYS D 148 47.60 5.11 19.27
N GLU D 149 48.39 4.56 18.35
CA GLU D 149 49.76 5.02 18.16
C GLU D 149 49.82 6.34 17.38
N CYS D 150 48.88 6.56 16.46
CA CYS D 150 48.91 7.72 15.59
C CYS D 150 48.26 8.92 16.27
N SER D 151 48.83 10.11 16.02
CA SER D 151 48.30 11.33 16.64
C SER D 151 46.88 11.67 16.18
N ASP D 152 46.39 11.08 15.09
CA ASP D 152 45.02 11.32 14.67
C ASP D 152 43.99 10.89 15.71
N ILE D 153 44.38 10.05 16.67
CA ILE D 153 43.42 9.54 17.64
C ILE D 153 43.05 10.57 18.69
N LEU D 154 43.82 11.65 18.78
CA LEU D 154 43.64 12.59 19.88
C LEU D 154 42.32 13.32 19.81
N TYR D 155 41.85 13.63 18.61
CA TYR D 155 40.53 14.24 18.48
C TYR D 155 39.46 13.36 19.13
N LEU D 156 39.42 12.09 18.77
CA LEU D 156 38.43 11.19 19.35
C LEU D 156 38.63 11.08 20.85
N LYS D 157 39.89 10.90 21.28
CA LYS D 157 40.18 10.81 22.71
C LYS D 157 39.59 12.01 23.46
N ASN D 158 39.94 13.21 23.04
CA ASN D 158 39.45 14.40 23.74
C ASN D 158 37.94 14.51 23.65
N TRP D 159 37.38 14.17 22.48
CA TRP D 159 35.93 14.31 22.30
C TRP D 159 35.16 13.35 23.18
N ILE D 160 35.59 12.08 23.29
CA ILE D 160 34.84 11.17 24.13
C ILE D 160 35.00 11.50 25.61
N VAL D 161 36.15 12.03 26.01
CA VAL D 161 36.29 12.50 27.38
C VAL D 161 35.29 13.62 27.66
N GLN D 162 35.15 14.56 26.73
CA GLN D 162 34.24 15.67 26.96
C GLN D 162 32.76 15.26 26.85
N HIS D 163 32.46 14.16 26.16
CA HIS D 163 31.08 13.76 25.89
C HIS D 163 30.81 12.36 26.41
N ALA D 164 31.44 12.01 27.53
CA ALA D 164 31.48 10.61 27.95
C ALA D 164 30.10 10.04 28.21
N SER D 165 29.16 10.87 28.68
CA SER D 165 27.85 10.33 29.05
C SER D 165 27.05 9.82 27.85
N ILE D 166 27.35 10.30 26.64
CA ILE D 166 26.58 9.91 25.46
C ILE D 166 27.27 8.83 24.65
N VAL D 167 28.45 8.36 25.05
CA VAL D 167 29.19 7.40 24.24
C VAL D 167 28.86 5.98 24.71
N ASN D 168 28.41 5.16 23.77
CA ASN D 168 28.03 3.77 24.02
C ASN D 168 27.16 3.60 25.28
N PRO D 169 26.08 4.37 25.44
CA PRO D 169 25.34 4.30 26.70
C PRO D 169 24.88 2.88 27.00
N HIS D 170 24.87 2.52 28.28
CA HIS D 170 24.41 1.24 28.81
C HIS D 170 23.16 0.81 28.04
N PRO D 171 23.11 -0.43 27.52
CA PRO D 171 24.01 -1.54 27.79
C PRO D 171 25.17 -1.72 26.83
N TYR D 172 25.68 -0.66 26.19
CA TYR D 172 26.70 -0.84 25.16
C TYR D 172 28.11 -0.52 25.61
N GLY D 173 28.36 -0.39 26.90
CA GLY D 173 29.70 -0.43 27.44
C GLY D 173 30.27 0.89 27.86
N GLY D 174 29.65 2.01 27.51
CA GLY D 174 30.12 3.30 27.95
C GLY D 174 31.41 3.76 27.30
N VAL D 175 31.95 4.84 27.86
CA VAL D 175 33.13 5.48 27.28
C VAL D 175 34.34 4.56 27.26
N ASP D 176 34.41 3.63 28.22
CA ASP D 176 35.53 2.68 28.26
C ASP D 176 35.49 1.67 27.11
N ASN D 177 34.34 1.50 26.46
CA ASN D 177 34.22 0.54 25.37
C ASN D 177 34.61 1.14 24.03
N VAL D 178 35.51 2.12 24.03
CA VAL D 178 36.19 2.59 22.83
C VAL D 178 37.64 2.20 23.04
N LYS D 179 38.09 1.17 22.34
CA LYS D 179 39.31 0.46 22.73
C LYS D 179 40.36 0.51 21.63
N CYS D 180 41.62 0.63 22.06
CA CYS D 180 42.76 0.62 21.15
C CYS D 180 42.96 -0.78 20.57
N SER D 181 43.18 -0.85 19.26
CA SER D 181 43.49 -2.13 18.65
C SER D 181 44.82 -2.66 19.19
N GLY D 182 44.91 -3.98 19.30
CA GLY D 182 46.13 -4.59 19.78
C GLY D 182 46.20 -4.66 21.29
N THR D 183 46.34 -3.50 21.94
CA THR D 183 46.48 -3.45 23.39
C THR D 183 45.15 -3.54 24.13
N ASN D 184 44.06 -3.17 23.48
CA ASN D 184 42.71 -3.21 24.05
C ASN D 184 42.53 -2.26 25.22
N THR D 185 43.45 -1.31 25.39
CA THR D 185 43.30 -0.31 26.43
C THR D 185 42.33 0.77 25.96
N PRO D 186 41.80 1.59 26.89
CA PRO D 186 40.78 2.56 26.49
C PRO D 186 41.38 3.75 25.75
N VAL D 187 40.72 4.13 24.67
CA VAL D 187 41.11 5.32 23.92
C VAL D 187 41.09 6.55 24.81
N ARG D 188 40.18 6.63 25.78
CA ARG D 188 40.08 7.83 26.60
C ARG D 188 41.33 8.05 27.45
N ALA D 189 42.13 7.01 27.64
CA ALA D 189 43.31 7.09 28.49
C ALA D 189 44.58 7.41 27.71
N VAL D 190 44.50 7.44 26.37
CA VAL D 190 45.67 7.69 25.53
C VAL D 190 46.32 9.02 25.90
N THR D 191 47.62 9.00 26.13
CA THR D 191 48.37 10.21 26.44
C THR D 191 48.92 10.78 25.14
N GLU D 192 49.07 12.11 25.12
CA GLU D 192 49.66 12.78 23.96
C GLU D 192 51.07 12.26 23.68
N ALA D 193 51.85 12.02 24.73
CA ALA D 193 53.24 11.59 24.54
C ALA D 193 53.34 10.24 23.87
N SER D 194 52.40 9.33 24.16
CA SER D 194 52.44 7.99 23.58
C SER D 194 52.11 7.96 22.10
N THR D 195 51.61 9.07 21.54
CA THR D 195 51.31 9.15 20.11
C THR D 195 52.39 9.93 19.39
N SER D 196 52.34 9.84 18.05
CA SER D 196 53.26 10.60 17.22
C SER D 196 52.68 10.74 15.83
N PRO D 197 52.86 11.86 15.16
CA PRO D 197 52.46 11.96 13.75
C PRO D 197 53.19 11.00 12.83
N SER D 198 54.38 10.53 13.20
CA SER D 198 55.17 9.66 12.33
C SER D 198 54.66 8.22 12.30
N LYS D 199 53.73 7.86 13.18
CA LYS D 199 53.19 6.49 13.15
C LYS D 199 51.74 6.48 12.70
N CYS D 200 51.45 7.15 11.59
CA CYS D 200 50.07 7.25 11.11
C CYS D 200 49.83 6.51 9.79
N CYS E 11 -10.29 -24.58 -2.21
CA CYS E 11 -9.05 -24.08 -1.61
C CYS E 11 -8.56 -25.05 -0.55
N PRO E 12 -7.25 -25.31 -0.52
CA PRO E 12 -6.72 -26.21 0.51
C PRO E 12 -7.02 -25.68 1.91
N SER E 13 -7.17 -26.62 2.85
CA SER E 13 -7.59 -26.27 4.20
C SER E 13 -6.56 -25.39 4.89
N GLN E 14 -5.28 -25.55 4.56
CA GLN E 14 -4.22 -24.80 5.19
C GLN E 14 -3.99 -23.44 4.56
N CYS E 15 -4.63 -23.14 3.44
CA CYS E 15 -4.31 -21.96 2.66
C CYS E 15 -5.51 -21.01 2.63
N SER E 16 -5.31 -19.84 2.03
CA SER E 16 -6.40 -18.94 1.77
C SER E 16 -6.35 -18.55 0.30
N CYS E 17 -7.52 -18.46 -0.32
CA CYS E 17 -7.62 -18.20 -1.75
C CYS E 17 -8.35 -16.90 -1.96
N ARG E 18 -8.03 -16.23 -3.05
CA ARG E 18 -8.49 -14.88 -3.28
C ARG E 18 -8.28 -14.55 -4.75
N GLY E 19 -9.35 -14.19 -5.47
CA GLY E 19 -9.19 -13.88 -6.87
C GLY E 19 -8.63 -15.06 -7.64
N THR E 20 -7.54 -14.83 -8.37
CA THR E 20 -6.85 -15.88 -9.12
C THR E 20 -5.65 -16.45 -8.36
N THR E 21 -5.61 -16.30 -7.04
CA THR E 21 -4.42 -16.61 -6.26
C THR E 21 -4.70 -17.65 -5.19
N VAL E 22 -3.76 -18.58 -5.01
CA VAL E 22 -3.76 -19.51 -3.90
C VAL E 22 -2.58 -19.15 -3.01
N ASN E 23 -2.87 -18.72 -1.78
CA ASN E 23 -1.86 -18.26 -0.84
C ASN E 23 -1.58 -19.37 0.17
N CYS E 24 -0.46 -20.08 -0.02
CA CYS E 24 -0.02 -21.12 0.91
C CYS E 24 1.32 -20.77 1.53
N ASP E 25 1.67 -19.49 1.57
CA ASP E 25 2.98 -19.06 2.02
C ASP E 25 3.00 -18.86 3.54
N SER E 26 4.19 -18.99 4.13
CA SER E 26 4.45 -18.58 5.51
C SER E 26 3.58 -19.34 6.52
N ARG E 27 3.39 -20.63 6.27
CA ARG E 27 2.52 -21.46 7.10
C ARG E 27 3.25 -22.66 7.68
N SER E 28 4.58 -22.69 7.62
CA SER E 28 5.40 -23.79 8.11
C SER E 28 4.94 -25.14 7.55
N LEU E 29 4.51 -25.14 6.28
CA LEU E 29 4.09 -26.38 5.64
C LEU E 29 5.30 -27.28 5.38
N ALA E 30 5.10 -28.58 5.57
CA ALA E 30 6.13 -29.57 5.27
C ALA E 30 5.95 -30.21 3.90
N SER E 31 4.78 -30.04 3.28
CA SER E 31 4.48 -30.61 1.98
C SER E 31 3.56 -29.67 1.24
N VAL E 32 3.43 -29.91 -0.06
CA VAL E 32 2.41 -29.22 -0.87
C VAL E 32 1.02 -29.64 -0.40
N PRO E 33 0.17 -28.69 -0.01
CA PRO E 33 -1.18 -29.05 0.48
C PRO E 33 -2.02 -29.76 -0.57
N ALA E 34 -2.93 -30.61 -0.10
CA ALA E 34 -3.91 -31.23 -0.98
C ALA E 34 -5.03 -30.27 -1.30
N GLY E 35 -5.60 -30.43 -2.49
CA GLY E 35 -6.78 -29.66 -2.87
C GLY E 35 -6.53 -28.32 -3.52
N ILE E 36 -5.37 -28.13 -4.14
CA ILE E 36 -5.11 -26.85 -4.81
C ILE E 36 -6.01 -26.76 -6.03
N PRO E 37 -6.75 -25.67 -6.21
CA PRO E 37 -7.71 -25.60 -7.31
C PRO E 37 -7.00 -25.41 -8.64
N THR E 38 -7.70 -25.82 -9.70
CA THR E 38 -7.15 -25.75 -11.04
C THR E 38 -7.58 -24.51 -11.81
N ASP E 39 -8.47 -23.67 -11.26
CA ASP E 39 -8.90 -22.44 -11.91
C ASP E 39 -8.20 -21.19 -11.39
N ARG E 40 -7.11 -21.34 -10.65
CA ARG E 40 -6.34 -20.19 -10.17
C ARG E 40 -5.01 -20.14 -10.91
N GLN E 41 -4.47 -18.93 -11.08
CA GLN E 41 -3.27 -18.76 -11.87
C GLN E 41 -2.00 -18.52 -11.05
N ASN E 42 -2.11 -18.19 -9.78
CA ASN E 42 -0.95 -17.86 -8.97
C ASN E 42 -0.91 -18.74 -7.73
N LEU E 43 0.22 -19.42 -7.51
CA LEU E 43 0.39 -20.31 -6.37
C LEU E 43 1.61 -19.87 -5.56
N TRP E 44 1.39 -19.51 -4.31
CA TRP E 44 2.47 -19.10 -3.41
C TRP E 44 2.69 -20.22 -2.41
N LEU E 45 3.85 -20.86 -2.50
CA LEU E 45 4.26 -21.90 -1.55
C LEU E 45 5.53 -21.53 -0.83
N ASN E 46 5.91 -20.26 -0.88
CA ASN E 46 7.19 -19.80 -0.39
C ASN E 46 7.17 -19.65 1.13
N ASN E 47 8.37 -19.57 1.71
CA ASN E 47 8.52 -19.39 3.15
C ASN E 47 7.80 -20.49 3.94
N ASN E 48 8.10 -21.73 3.61
CA ASN E 48 7.60 -22.88 4.36
C ASN E 48 8.82 -23.72 4.75
N GLN E 49 8.57 -24.98 5.08
CA GLN E 49 9.66 -25.91 5.36
C GLN E 49 9.51 -27.13 4.48
N ILE E 50 9.19 -26.91 3.21
CA ILE E 50 8.98 -28.01 2.27
C ILE E 50 10.33 -28.56 1.86
N THR E 51 10.49 -29.88 2.03
CA THR E 51 11.77 -30.52 1.79
C THR E 51 11.84 -31.32 0.50
N LYS E 52 10.70 -31.60 -0.12
CA LYS E 52 10.68 -32.36 -1.35
C LYS E 52 9.40 -32.03 -2.10
N LEU E 53 9.48 -32.06 -3.41
CA LEU E 53 8.30 -31.98 -4.26
C LEU E 53 8.06 -33.37 -4.81
N GLU E 54 6.93 -33.96 -4.47
CA GLU E 54 6.64 -35.29 -4.96
C GLU E 54 6.52 -35.24 -6.47
N PRO E 55 6.88 -36.32 -7.17
CA PRO E 55 6.69 -36.35 -8.62
C PRO E 55 5.22 -36.16 -8.97
N GLY E 56 4.97 -35.27 -9.93
CA GLY E 56 3.62 -35.01 -10.40
C GLY E 56 2.79 -34.06 -9.57
N VAL E 57 3.38 -33.41 -8.57
CA VAL E 57 2.60 -32.56 -7.66
C VAL E 57 1.85 -31.48 -8.43
N PHE E 58 2.48 -30.87 -9.43
CA PHE E 58 1.91 -29.74 -10.14
C PHE E 58 1.22 -30.13 -11.44
N ASP E 59 1.10 -31.43 -11.71
CA ASP E 59 0.69 -31.88 -13.04
C ASP E 59 -0.71 -31.39 -13.40
N SER E 60 -1.60 -31.27 -12.42
CA SER E 60 -2.97 -30.88 -12.70
C SER E 60 -3.16 -29.37 -12.80
N LEU E 61 -2.15 -28.58 -12.46
CA LEU E 61 -2.29 -27.11 -12.39
C LEU E 61 -1.88 -26.45 -13.69
N THR E 62 -2.48 -26.91 -14.80
CA THR E 62 -2.09 -26.49 -16.13
C THR E 62 -2.38 -25.01 -16.41
N ALA E 63 -3.16 -24.34 -15.57
CA ALA E 63 -3.47 -22.92 -15.74
C ALA E 63 -2.50 -22.00 -15.03
N LEU E 64 -1.54 -22.55 -14.28
CA LEU E 64 -0.64 -21.70 -13.51
C LEU E 64 0.18 -20.81 -14.41
N THR E 65 0.30 -19.53 -14.03
CA THR E 65 1.23 -18.60 -14.65
C THR E 65 2.33 -18.13 -13.72
N PHE E 66 2.16 -18.31 -12.40
CA PHE E 66 3.10 -17.85 -11.38
C PHE E 66 3.21 -18.94 -10.33
N LEU E 67 4.44 -19.36 -10.04
CA LEU E 67 4.68 -20.38 -9.01
C LEU E 67 5.87 -19.92 -8.19
N ASN E 68 5.68 -19.76 -6.88
CA ASN E 68 6.78 -19.38 -5.99
C ASN E 68 6.97 -20.48 -4.95
N VAL E 69 8.12 -21.15 -5.01
CA VAL E 69 8.51 -22.10 -3.98
C VAL E 69 9.77 -21.65 -3.27
N GLY E 70 10.06 -20.35 -3.29
CA GLY E 70 11.25 -19.86 -2.65
C GLY E 70 11.21 -20.02 -1.15
N ASP E 71 12.40 -19.98 -0.54
CA ASP E 71 12.52 -20.02 0.92
C ASP E 71 11.88 -21.29 1.51
N ASN E 72 12.32 -22.43 0.98
CA ASN E 72 11.95 -23.71 1.56
C ASN E 72 13.21 -24.51 1.85
N GLN E 73 13.12 -25.83 1.82
CA GLN E 73 14.25 -26.72 2.12
C GLN E 73 14.46 -27.69 0.97
N LEU E 74 14.27 -27.21 -0.25
CA LEU E 74 14.40 -28.06 -1.43
C LEU E 74 15.88 -28.20 -1.80
N SER E 75 16.32 -29.44 -1.96
CA SER E 75 17.70 -29.73 -2.38
C SER E 75 17.80 -30.17 -3.82
N ALA E 76 16.68 -30.56 -4.42
CA ALA E 76 16.65 -31.08 -5.78
C ALA E 76 15.22 -30.93 -6.32
N LEU E 77 15.12 -30.96 -7.64
CA LEU E 77 13.83 -31.02 -8.32
C LEU E 77 13.71 -32.35 -9.04
N PRO E 78 12.56 -33.02 -8.94
CA PRO E 78 12.35 -34.22 -9.74
C PRO E 78 12.30 -33.89 -11.23
N ILE E 79 12.71 -34.88 -12.03
CA ILE E 79 12.68 -34.70 -13.48
C ILE E 79 11.25 -34.45 -13.92
N GLY E 80 11.06 -33.40 -14.73
CA GLY E 80 9.76 -33.14 -15.32
C GLY E 80 8.76 -32.45 -14.43
N VAL E 81 9.18 -31.95 -13.27
CA VAL E 81 8.24 -31.46 -12.27
C VAL E 81 7.41 -30.29 -12.79
N PHE E 82 7.94 -29.51 -13.72
CA PHE E 82 7.23 -28.35 -14.26
C PHE E 82 6.64 -28.59 -15.64
N ASP E 83 6.69 -29.83 -16.15
CA ASP E 83 6.51 -30.05 -17.58
C ASP E 83 5.08 -29.75 -18.05
N ARG E 84 4.09 -29.90 -17.18
CA ARG E 84 2.70 -29.62 -17.54
C ARG E 84 2.33 -28.16 -17.39
N LEU E 85 3.25 -27.31 -16.92
CA LEU E 85 2.94 -25.91 -16.64
C LEU E 85 3.27 -25.07 -17.87
N ALA E 86 2.50 -25.31 -18.94
CA ALA E 86 2.82 -24.69 -20.22
C ALA E 86 2.63 -23.18 -20.19
N GLN E 87 1.75 -22.67 -19.33
CA GLN E 87 1.49 -21.24 -19.25
C GLN E 87 2.40 -20.50 -18.30
N LEU E 88 3.33 -21.19 -17.63
CA LEU E 88 4.15 -20.55 -16.61
C LEU E 88 4.96 -19.42 -17.21
N THR E 89 4.88 -18.24 -16.59
CA THR E 89 5.76 -17.13 -16.95
C THR E 89 6.67 -16.65 -15.83
N ARG E 90 6.35 -16.96 -14.56
CA ARG E 90 7.19 -16.55 -13.43
C ARG E 90 7.41 -17.74 -12.50
N LEU E 91 8.68 -18.06 -12.24
CA LEU E 91 9.05 -19.23 -11.46
C LEU E 91 10.07 -18.79 -10.39
N GLY E 92 9.67 -18.90 -9.14
CA GLY E 92 10.50 -18.50 -8.01
C GLY E 92 11.07 -19.71 -7.30
N LEU E 93 12.40 -19.82 -7.32
CA LEU E 93 13.11 -20.94 -6.72
C LEU E 93 14.18 -20.47 -5.74
N SER E 94 14.16 -19.19 -5.35
CA SER E 94 15.23 -18.61 -4.55
C SER E 94 15.21 -19.18 -3.13
N HIS E 95 16.33 -18.99 -2.44
CA HIS E 95 16.41 -19.31 -1.01
C HIS E 95 16.07 -20.78 -0.72
N ASN E 96 16.63 -21.68 -1.53
CA ASN E 96 16.54 -23.10 -1.23
C ASN E 96 17.96 -23.63 -1.09
N GLN E 97 18.15 -24.92 -1.28
CA GLN E 97 19.48 -25.52 -1.18
C GLN E 97 19.77 -26.38 -2.39
N PHE E 98 19.34 -25.93 -3.57
CA PHE E 98 19.58 -26.71 -4.78
C PHE E 98 21.07 -26.79 -5.03
N THR E 99 21.59 -28.02 -5.15
CA THR E 99 22.98 -28.26 -5.51
C THR E 99 23.14 -28.59 -6.97
N ALA E 100 22.04 -28.87 -7.67
CA ALA E 100 22.04 -29.06 -9.11
C ALA E 100 20.60 -28.97 -9.60
N LEU E 101 20.45 -28.85 -10.90
CA LEU E 101 19.14 -28.91 -11.52
C LEU E 101 19.13 -29.99 -12.58
N PRO E 102 17.99 -30.64 -12.83
CA PRO E 102 17.92 -31.54 -13.98
C PRO E 102 18.11 -30.76 -15.27
N ALA E 103 18.88 -31.33 -16.19
CA ALA E 103 18.92 -30.76 -17.53
C ALA E 103 17.52 -30.83 -18.11
N GLY E 104 17.10 -29.77 -18.78
CA GLY E 104 15.76 -29.80 -19.30
C GLY E 104 14.66 -29.59 -18.28
N VAL E 105 14.99 -29.29 -17.02
CA VAL E 105 13.94 -28.94 -16.06
C VAL E 105 13.08 -27.78 -16.55
N PHE E 106 13.67 -26.85 -17.31
CA PHE E 106 12.95 -25.68 -17.81
C PHE E 106 12.54 -25.81 -19.27
N ASP E 107 12.77 -26.96 -19.89
CA ASP E 107 12.62 -27.06 -21.34
C ASP E 107 11.19 -26.79 -21.80
N LYS E 108 10.19 -27.12 -20.96
CA LYS E 108 8.80 -26.98 -21.36
C LYS E 108 8.18 -25.66 -20.93
N LEU E 109 8.98 -24.69 -20.49
CA LEU E 109 8.48 -23.40 -20.04
C LEU E 109 8.95 -22.26 -20.94
N PRO E 110 8.68 -22.32 -22.25
CA PRO E 110 9.22 -21.30 -23.15
C PRO E 110 8.65 -19.90 -22.91
N LYS E 111 7.51 -19.78 -22.22
CA LYS E 111 6.92 -18.48 -21.94
C LYS E 111 7.55 -17.75 -20.76
N LEU E 112 8.54 -18.33 -20.10
CA LEU E 112 9.05 -17.74 -18.86
C LEU E 112 9.63 -16.35 -19.09
N THR E 113 9.20 -15.38 -18.29
CA THR E 113 9.85 -14.06 -18.28
C THR E 113 10.73 -13.83 -17.07
N HIS E 114 10.38 -14.40 -15.91
CA HIS E 114 11.13 -14.25 -14.67
C HIS E 114 11.51 -15.63 -14.16
N LEU E 115 12.82 -15.83 -13.96
CA LEU E 115 13.34 -17.05 -13.34
C LEU E 115 14.25 -16.64 -12.18
N VAL E 116 13.84 -16.98 -10.95
CA VAL E 116 14.54 -16.55 -9.74
C VAL E 116 15.25 -17.76 -9.13
N LEU E 117 16.59 -17.78 -9.26
CA LEU E 117 17.42 -18.89 -8.79
C LEU E 117 18.44 -18.45 -7.74
N HIS E 118 18.34 -17.23 -7.22
CA HIS E 118 19.38 -16.73 -6.36
C HIS E 118 19.33 -17.36 -4.97
N THR E 119 20.48 -17.34 -4.28
CA THR E 119 20.62 -17.84 -2.91
C THR E 119 20.33 -19.34 -2.87
N ASN E 120 21.14 -20.08 -3.60
CA ASN E 120 21.05 -21.54 -3.61
C ASN E 120 22.47 -22.07 -3.46
N GLN E 121 22.66 -23.34 -3.80
CA GLN E 121 23.95 -24.00 -3.70
C GLN E 121 24.45 -24.51 -5.05
N LEU E 122 24.09 -23.80 -6.12
CA LEU E 122 24.40 -24.28 -7.47
C LEU E 122 25.86 -24.00 -7.81
N LYS E 123 26.51 -24.98 -8.44
CA LYS E 123 27.90 -24.86 -8.86
C LYS E 123 28.04 -24.62 -10.35
N SER E 124 27.01 -24.99 -11.11
CA SER E 124 26.96 -24.79 -12.55
C SER E 124 25.50 -24.92 -12.96
N ILE E 125 25.22 -24.57 -14.19
CA ILE E 125 23.93 -24.87 -14.79
C ILE E 125 24.15 -25.87 -15.91
N PRO E 126 23.35 -26.94 -15.99
CA PRO E 126 23.62 -27.98 -16.98
C PRO E 126 23.57 -27.41 -18.38
N ARG E 127 24.46 -27.92 -19.23
CA ARG E 127 24.56 -27.45 -20.61
C ARG E 127 23.19 -27.44 -21.27
N GLY E 128 22.85 -26.29 -21.88
CA GLY E 128 21.62 -26.14 -22.61
C GLY E 128 20.38 -25.93 -21.79
N ALA E 129 20.51 -25.79 -20.47
CA ALA E 129 19.33 -25.71 -19.61
C ALA E 129 18.43 -24.54 -19.97
N PHE E 130 18.99 -23.46 -20.52
CA PHE E 130 18.23 -22.25 -20.82
C PHE E 130 17.87 -22.12 -22.30
N ASP E 131 18.13 -23.15 -23.12
CA ASP E 131 18.01 -23.02 -24.57
C ASP E 131 16.60 -22.60 -25.01
N ASN E 132 15.58 -23.10 -24.33
CA ASN E 132 14.22 -22.81 -24.74
C ASN E 132 13.65 -21.56 -24.08
N LEU E 133 14.42 -20.87 -23.25
CA LEU E 133 13.89 -19.71 -22.52
C LEU E 133 14.24 -18.42 -23.26
N LYS E 134 13.59 -18.27 -24.43
CA LYS E 134 13.85 -17.12 -25.30
C LYS E 134 13.11 -15.85 -24.89
N SER E 135 12.22 -15.92 -23.89
CA SER E 135 11.36 -14.81 -23.51
C SER E 135 11.73 -14.18 -22.17
N LEU E 136 12.83 -14.61 -21.56
CA LEU E 136 13.22 -14.11 -20.25
C LEU E 136 13.48 -12.61 -20.29
N THR E 137 12.97 -11.89 -19.29
CA THR E 137 13.33 -10.50 -19.03
C THR E 137 14.12 -10.32 -17.75
N HIS E 138 14.02 -11.23 -16.80
CA HIS E 138 14.71 -11.13 -15.52
C HIS E 138 15.13 -12.53 -15.10
N ILE E 139 16.43 -12.76 -14.95
CA ILE E 139 16.90 -14.01 -14.37
C ILE E 139 17.85 -13.65 -13.23
N TYR E 140 17.68 -14.30 -12.09
CA TYR E 140 18.47 -14.03 -10.88
C TYR E 140 19.32 -15.24 -10.56
N LEU E 141 20.64 -15.02 -10.51
CA LEU E 141 21.62 -16.07 -10.36
C LEU E 141 22.65 -15.77 -9.27
N PHE E 142 22.54 -14.64 -8.58
CA PHE E 142 23.51 -14.26 -7.58
C PHE E 142 23.38 -15.15 -6.33
N ASN E 143 24.37 -15.06 -5.45
CA ASN E 143 24.41 -15.88 -4.23
C ASN E 143 24.32 -17.38 -4.54
N ASN E 144 25.18 -17.83 -5.46
CA ASN E 144 25.39 -19.24 -5.68
C ASN E 144 26.89 -19.47 -5.76
N PRO E 145 27.37 -20.60 -5.26
CA PRO E 145 28.82 -20.91 -5.28
C PRO E 145 29.31 -21.44 -6.62
N TRP E 146 29.22 -20.60 -7.65
CA TRP E 146 29.63 -21.01 -8.99
C TRP E 146 31.08 -21.49 -9.00
N ASP E 147 31.30 -22.68 -9.54
CA ASP E 147 32.63 -23.31 -9.55
C ASP E 147 33.32 -22.98 -10.87
N CYS E 148 34.14 -21.93 -10.84
CA CYS E 148 34.71 -21.45 -12.09
C CYS E 148 35.92 -22.23 -12.57
N GLU E 149 36.44 -23.15 -11.77
CA GLU E 149 37.58 -23.93 -12.24
C GLU E 149 37.17 -25.11 -13.11
N CYS E 150 35.93 -25.54 -13.01
CA CYS E 150 35.43 -26.68 -13.77
C CYS E 150 34.82 -26.20 -15.09
N SER E 151 35.13 -26.91 -16.17
CA SER E 151 34.69 -26.49 -17.49
C SER E 151 33.17 -26.49 -17.65
N ASP E 152 32.42 -27.13 -16.73
CA ASP E 152 30.96 -27.02 -16.74
C ASP E 152 30.49 -25.57 -16.63
N ILE E 153 31.32 -24.67 -16.10
CA ILE E 153 30.90 -23.28 -15.92
C ILE E 153 30.69 -22.59 -17.26
N LEU E 154 31.26 -23.14 -18.34
CA LEU E 154 31.35 -22.40 -19.59
C LEU E 154 29.97 -22.13 -20.20
N TYR E 155 29.04 -23.08 -20.08
CA TYR E 155 27.68 -22.81 -20.55
C TYR E 155 27.13 -21.56 -19.89
N LEU E 156 27.25 -21.46 -18.56
CA LEU E 156 26.73 -20.28 -17.87
C LEU E 156 27.47 -19.01 -18.28
N LYS E 157 28.81 -19.08 -18.35
CA LYS E 157 29.60 -17.92 -18.77
C LYS E 157 29.11 -17.40 -20.12
N ASN E 158 29.05 -18.27 -21.13
CA ASN E 158 28.67 -17.82 -22.46
C ASN E 158 27.23 -17.32 -22.49
N TRP E 159 26.34 -17.96 -21.74
CA TRP E 159 24.93 -17.55 -21.75
C TRP E 159 24.74 -16.18 -21.12
N ILE E 160 25.37 -15.91 -19.98
CA ILE E 160 25.22 -14.60 -19.34
C ILE E 160 25.88 -13.50 -20.17
N VAL E 161 26.96 -13.79 -20.90
CA VAL E 161 27.53 -12.78 -21.80
C VAL E 161 26.51 -12.42 -22.88
N GLN E 162 25.91 -13.44 -23.50
CA GLN E 162 24.94 -13.21 -24.56
C GLN E 162 23.69 -12.51 -24.06
N HIS E 163 23.29 -12.77 -22.82
CA HIS E 163 22.05 -12.26 -22.28
C HIS E 163 22.28 -11.32 -21.10
N ALA E 164 23.38 -10.55 -21.14
CA ALA E 164 23.81 -9.80 -19.97
C ALA E 164 22.74 -8.84 -19.46
N SER E 165 21.95 -8.26 -20.36
CA SER E 165 21.03 -7.22 -19.91
C SER E 165 19.93 -7.74 -19.00
N ILE E 166 19.58 -9.04 -19.08
CA ILE E 166 18.49 -9.61 -18.28
C ILE E 166 18.98 -10.29 -17.01
N VAL E 167 20.28 -10.36 -16.78
CA VAL E 167 20.80 -11.07 -15.61
C VAL E 167 20.96 -10.13 -14.41
N ASN E 168 20.35 -10.52 -13.28
CA ASN E 168 20.26 -9.77 -12.03
C ASN E 168 19.99 -8.29 -12.24
N PRO E 169 18.95 -7.90 -12.96
CA PRO E 169 18.78 -6.47 -13.26
C PRO E 169 18.76 -5.64 -11.98
N HIS E 170 19.28 -4.42 -12.09
CA HIS E 170 19.34 -3.50 -10.96
C HIS E 170 18.02 -3.52 -10.20
N PRO E 171 18.03 -3.57 -8.86
CA PRO E 171 19.16 -3.36 -7.95
C PRO E 171 19.88 -4.63 -7.48
N TYR E 172 19.92 -5.69 -8.31
CA TYR E 172 20.52 -6.95 -7.92
C TYR E 172 21.90 -7.18 -8.52
N GLY E 173 22.54 -6.13 -9.03
CA GLY E 173 23.96 -6.18 -9.28
C GLY E 173 24.38 -6.46 -10.70
N GLY E 174 23.45 -6.81 -11.57
CA GLY E 174 23.80 -6.99 -12.96
C GLY E 174 24.61 -8.27 -13.22
N VAL E 175 25.17 -8.30 -14.44
CA VAL E 175 25.83 -9.51 -14.92
C VAL E 175 27.07 -9.81 -14.09
N ASP E 176 27.73 -8.79 -13.57
CA ASP E 176 28.91 -9.01 -12.76
C ASP E 176 28.60 -9.59 -11.38
N ASN E 177 27.33 -9.66 -10.99
CA ASN E 177 26.97 -10.27 -9.72
C ASN E 177 26.71 -11.75 -9.85
N VAL E 178 27.11 -12.37 -10.98
CA VAL E 178 27.28 -13.81 -11.07
C VAL E 178 28.76 -14.03 -10.78
N LYS E 179 29.08 -14.50 -9.56
CA LYS E 179 30.45 -14.44 -9.05
C LYS E 179 31.02 -15.83 -8.83
N CYS E 180 32.30 -15.97 -9.18
CA CYS E 180 33.03 -17.20 -8.92
C CYS E 180 33.22 -17.39 -7.42
N SER E 181 32.96 -18.60 -6.94
CA SER E 181 33.17 -18.86 -5.53
C SER E 181 34.63 -18.68 -5.15
N GLY E 182 34.86 -18.05 -3.99
CA GLY E 182 36.19 -17.82 -3.50
C GLY E 182 36.88 -16.58 -4.04
N THR E 183 37.26 -16.61 -5.33
CA THR E 183 37.93 -15.47 -5.91
C THR E 183 37.03 -14.25 -6.02
N ASN E 184 35.71 -14.47 -6.01
CA ASN E 184 34.72 -13.40 -6.16
C ASN E 184 34.90 -12.61 -7.44
N THR E 185 35.55 -13.19 -8.43
CA THR E 185 35.63 -12.57 -9.74
C THR E 185 34.38 -12.90 -10.54
N PRO E 186 34.06 -12.11 -11.55
CA PRO E 186 32.82 -12.35 -12.30
C PRO E 186 32.93 -13.60 -13.17
N VAL E 187 31.85 -14.40 -13.16
CA VAL E 187 31.80 -15.57 -14.03
C VAL E 187 31.96 -15.17 -15.50
N ARG E 188 31.45 -14.01 -15.89
CA ARG E 188 31.51 -13.61 -17.29
C ARG E 188 32.94 -13.42 -17.78
N ALA E 189 33.90 -13.28 -16.87
CA ALA E 189 35.30 -13.09 -17.22
C ALA E 189 36.09 -14.39 -17.27
N VAL E 190 35.47 -15.52 -16.96
CA VAL E 190 36.20 -16.78 -16.95
C VAL E 190 36.68 -17.13 -18.36
N THR E 191 37.97 -17.40 -18.49
CA THR E 191 38.53 -17.84 -19.76
C THR E 191 38.43 -19.36 -19.84
N GLU E 192 38.17 -19.87 -21.05
CA GLU E 192 38.13 -21.31 -21.26
C GLU E 192 39.45 -21.95 -20.85
N ALA E 193 40.57 -21.28 -21.18
CA ALA E 193 41.88 -21.83 -20.84
C ALA E 193 42.05 -22.03 -19.33
N SER E 194 41.38 -21.21 -18.52
CA SER E 194 41.52 -21.31 -17.06
C SER E 194 40.67 -22.42 -16.46
N THR E 195 39.83 -23.09 -17.23
CA THR E 195 39.00 -24.17 -16.75
C THR E 195 39.60 -25.51 -17.16
N SER E 196 39.07 -26.58 -16.57
CA SER E 196 39.50 -27.94 -16.89
C SER E 196 38.36 -28.90 -16.60
N PRO E 197 38.13 -29.91 -17.46
CA PRO E 197 37.13 -30.93 -17.14
C PRO E 197 37.51 -31.75 -15.93
N SER E 198 38.79 -31.86 -15.62
CA SER E 198 39.25 -32.72 -14.54
C SER E 198 38.88 -32.21 -13.16
N LYS E 199 38.48 -30.94 -13.03
CA LYS E 199 38.12 -30.40 -11.72
C LYS E 199 36.61 -30.31 -11.52
N CYS E 200 35.86 -31.17 -12.16
CA CYS E 200 34.41 -31.19 -12.01
C CYS E 200 33.98 -32.27 -11.04
N PRO E 201 32.83 -32.10 -10.38
CA PRO E 201 32.28 -33.11 -9.47
C PRO E 201 31.61 -34.25 -10.23
N CYS F 11 10.65 -32.73 19.94
CA CYS F 11 9.88 -31.63 19.35
C CYS F 11 9.01 -32.13 18.19
N PRO F 12 7.73 -31.79 18.22
CA PRO F 12 6.85 -32.12 17.08
C PRO F 12 7.39 -31.56 15.77
N SER F 13 7.08 -32.26 14.68
CA SER F 13 7.70 -31.98 13.40
C SER F 13 7.35 -30.60 12.88
N GLN F 14 6.06 -30.24 12.93
CA GLN F 14 5.64 -28.94 12.40
C GLN F 14 6.21 -27.79 13.23
N CYS F 15 6.48 -28.02 14.51
CA CYS F 15 6.81 -26.96 15.45
C CYS F 15 8.32 -26.83 15.63
N SER F 16 8.71 -25.76 16.32
CA SER F 16 10.10 -25.52 16.68
C SER F 16 10.21 -25.39 18.19
N CYS F 17 11.35 -25.82 18.73
CA CYS F 17 11.57 -25.81 20.17
C CYS F 17 12.87 -25.07 20.49
N ARG F 18 12.87 -24.35 21.61
CA ARG F 18 14.05 -23.62 22.05
C ARG F 18 13.88 -23.41 23.54
N GLY F 19 14.91 -23.76 24.31
CA GLY F 19 14.79 -23.62 25.76
C GLY F 19 13.69 -24.52 26.28
N THR F 20 12.70 -23.94 26.97
CA THR F 20 11.52 -24.68 27.42
C THR F 20 10.28 -24.28 26.64
N THR F 21 10.44 -23.72 25.44
CA THR F 21 9.32 -23.23 24.64
C THR F 21 9.09 -24.15 23.45
N VAL F 22 7.83 -24.38 23.13
CA VAL F 22 7.44 -25.02 21.88
C VAL F 22 6.56 -24.05 21.11
N ASN F 23 6.98 -23.74 19.88
CA ASN F 23 6.29 -22.79 19.00
C ASN F 23 5.53 -23.60 17.96
N CYS F 24 4.22 -23.65 18.12
CA CYS F 24 3.34 -24.29 17.16
C CYS F 24 2.36 -23.29 16.53
N ASP F 25 2.67 -22.00 16.65
CA ASP F 25 1.77 -20.97 16.15
C ASP F 25 1.93 -20.78 14.65
N SER F 26 0.86 -20.35 14.00
CA SER F 26 0.87 -20.04 12.57
C SER F 26 1.40 -21.22 11.74
N ARG F 27 0.93 -22.41 12.08
CA ARG F 27 1.42 -23.63 11.44
C ARG F 27 0.31 -24.37 10.72
N SER F 28 -0.81 -23.70 10.47
CA SER F 28 -2.00 -24.27 9.85
C SER F 28 -2.30 -25.65 10.42
N LEU F 29 -2.48 -25.67 11.74
CA LEU F 29 -2.81 -26.90 12.45
C LEU F 29 -4.31 -26.99 12.65
N ALA F 30 -4.84 -28.20 12.53
CA ALA F 30 -6.22 -28.45 12.90
C ALA F 30 -6.35 -29.22 14.20
N SER F 31 -5.25 -29.69 14.77
CA SER F 31 -5.23 -30.43 16.02
C SER F 31 -3.93 -30.14 16.73
N VAL F 32 -3.93 -30.28 18.04
CA VAL F 32 -2.69 -30.11 18.80
C VAL F 32 -1.72 -31.21 18.39
N PRO F 33 -0.48 -30.89 18.02
CA PRO F 33 0.46 -31.92 17.55
C PRO F 33 0.81 -32.89 18.65
N ALA F 34 1.17 -34.10 18.26
CA ALA F 34 1.44 -35.15 19.23
C ALA F 34 2.90 -35.12 19.66
N GLY F 35 3.13 -35.52 20.90
CA GLY F 35 4.48 -35.72 21.39
C GLY F 35 5.17 -34.49 21.91
N ILE F 36 4.42 -33.48 22.36
CA ILE F 36 5.00 -32.29 22.97
C ILE F 36 5.74 -32.71 24.22
N PRO F 37 7.06 -32.46 24.32
CA PRO F 37 7.80 -32.91 25.50
C PRO F 37 7.20 -32.38 26.78
N THR F 38 7.23 -33.22 27.83
CA THR F 38 6.56 -32.90 29.08
C THR F 38 7.25 -31.78 29.87
N ASP F 39 8.45 -31.38 29.49
CA ASP F 39 9.19 -30.36 30.23
C ASP F 39 8.88 -28.94 29.78
N ARG F 40 8.00 -28.75 28.80
CA ARG F 40 7.86 -27.43 28.22
C ARG F 40 7.09 -26.50 29.15
N GLN F 41 7.47 -25.23 29.13
CA GLN F 41 6.88 -24.23 29.98
C GLN F 41 6.05 -23.21 29.24
N ASN F 42 6.29 -23.03 27.93
CA ASN F 42 5.50 -22.13 27.09
C ASN F 42 5.06 -22.90 25.86
N LEU F 43 3.76 -22.87 25.57
CA LEU F 43 3.19 -23.57 24.42
C LEU F 43 2.38 -22.57 23.60
N TRP F 44 2.80 -22.34 22.36
CA TRP F 44 2.13 -21.42 21.45
C TRP F 44 1.31 -22.23 20.44
N LEU F 45 -0.01 -22.10 20.52
CA LEU F 45 -0.90 -22.76 19.56
C LEU F 45 -1.75 -21.76 18.80
N ASN F 46 -1.44 -20.47 18.91
CA ASN F 46 -2.28 -19.42 18.37
C ASN F 46 -2.12 -19.32 16.85
N ASN F 47 -3.16 -18.75 16.21
CA ASN F 47 -3.17 -18.54 14.76
C ASN F 47 -3.13 -19.86 13.99
N ASN F 48 -4.04 -20.77 14.32
CA ASN F 48 -4.18 -22.03 13.63
C ASN F 48 -5.66 -22.15 13.23
N GLN F 49 -6.09 -23.34 12.87
CA GLN F 49 -7.51 -23.58 12.62
C GLN F 49 -8.03 -24.70 13.49
N ILE F 50 -7.61 -24.70 14.76
CA ILE F 50 -8.10 -25.70 15.70
C ILE F 50 -9.55 -25.39 16.01
N THR F 51 -10.44 -26.33 15.69
CA THR F 51 -11.87 -26.17 15.86
C THR F 51 -12.39 -26.78 17.14
N LYS F 52 -11.72 -27.81 17.64
CA LYS F 52 -12.08 -28.49 18.87
C LYS F 52 -10.81 -29.11 19.42
N LEU F 53 -10.68 -29.12 20.73
CA LEU F 53 -9.57 -29.75 21.42
C LEU F 53 -10.00 -31.13 21.90
N GLU F 54 -9.18 -32.13 21.65
CA GLU F 54 -9.45 -33.46 22.19
C GLU F 54 -9.31 -33.41 23.71
N PRO F 55 -10.16 -34.12 24.46
CA PRO F 55 -10.02 -34.13 25.92
C PRO F 55 -8.71 -34.78 26.34
N GLY F 56 -8.04 -34.16 27.29
CA GLY F 56 -6.77 -34.65 27.77
C GLY F 56 -5.54 -34.22 27.00
N VAL F 57 -5.68 -33.32 26.01
CA VAL F 57 -4.53 -32.94 25.18
C VAL F 57 -3.39 -32.37 26.03
N PHE F 58 -3.73 -31.61 27.09
CA PHE F 58 -2.73 -30.91 27.89
C PHE F 58 -2.40 -31.61 29.20
N ASP F 59 -2.84 -32.87 29.36
CA ASP F 59 -2.71 -33.51 30.67
C ASP F 59 -1.26 -33.80 31.05
N SER F 60 -0.42 -34.15 30.08
CA SER F 60 0.96 -34.49 30.38
C SER F 60 1.87 -33.28 30.54
N LEU F 61 1.42 -32.09 30.12
CA LEU F 61 2.28 -30.90 30.09
C LEU F 61 2.24 -30.15 31.43
N THR F 62 2.65 -30.87 32.48
CA THR F 62 2.45 -30.39 33.84
C THR F 62 3.35 -29.22 34.22
N ALA F 63 4.33 -28.87 33.40
CA ALA F 63 5.21 -27.75 33.70
C ALA F 63 4.81 -26.46 32.97
N LEU F 64 3.72 -26.48 32.21
CA LEU F 64 3.33 -25.31 31.44
C LEU F 64 3.04 -24.13 32.37
N THR F 65 3.62 -22.98 32.06
CA THR F 65 3.22 -21.74 32.72
C THR F 65 2.49 -20.80 31.79
N PHE F 66 2.68 -20.93 30.48
CA PHE F 66 2.11 -20.04 29.48
C PHE F 66 1.50 -20.91 28.38
N LEU F 67 0.22 -20.69 28.09
CA LEU F 67 -0.48 -21.44 27.05
C LEU F 67 -1.31 -20.44 26.26
N ASN F 68 -1.09 -20.35 24.96
CA ASN F 68 -1.84 -19.42 24.12
C ASN F 68 -2.53 -20.22 23.02
N VAL F 69 -3.86 -20.23 23.02
CA VAL F 69 -4.61 -20.85 21.93
C VAL F 69 -5.52 -19.80 21.30
N GLY F 70 -5.13 -18.53 21.39
CA GLY F 70 -5.90 -17.49 20.77
C GLY F 70 -5.88 -17.59 19.25
N ASP F 71 -6.85 -16.94 18.62
CA ASP F 71 -6.92 -16.88 17.16
C ASP F 71 -7.04 -18.27 16.55
N ASN F 72 -7.98 -19.04 17.09
CA ASN F 72 -8.37 -20.30 16.47
C ASN F 72 -9.88 -20.26 16.20
N GLN F 73 -10.52 -21.42 16.07
CA GLN F 73 -11.94 -21.48 15.78
C GLN F 73 -12.69 -22.27 16.85
N LEU F 74 -12.25 -22.15 18.10
CA LEU F 74 -12.83 -22.93 19.19
C LEU F 74 -14.18 -22.32 19.61
N SER F 75 -15.19 -23.18 19.71
CA SER F 75 -16.50 -22.80 20.21
C SER F 75 -16.74 -23.28 21.63
N ALA F 76 -15.97 -24.25 22.12
CA ALA F 76 -16.14 -24.80 23.44
C ALA F 76 -14.81 -25.36 23.92
N LEU F 77 -14.71 -25.55 25.22
CA LEU F 77 -13.58 -26.22 25.82
C LEU F 77 -14.04 -27.53 26.44
N PRO F 78 -13.30 -28.62 26.26
CA PRO F 78 -13.66 -29.86 26.97
C PRO F 78 -13.58 -29.65 28.47
N ILE F 79 -14.43 -30.38 29.20
CA ILE F 79 -14.45 -30.29 30.65
C ILE F 79 -13.10 -30.73 31.21
N GLY F 80 -12.58 -29.96 32.17
CA GLY F 80 -11.32 -30.30 32.81
C GLY F 80 -10.09 -30.18 31.95
N VAL F 81 -10.15 -29.38 30.87
CA VAL F 81 -9.07 -29.35 29.91
C VAL F 81 -7.77 -28.80 30.49
N PHE F 82 -7.85 -27.96 31.52
CA PHE F 82 -6.68 -27.37 32.14
C PHE F 82 -6.39 -27.96 33.51
N ASP F 83 -7.01 -29.09 33.84
CA ASP F 83 -7.03 -29.56 35.21
C ASP F 83 -5.66 -30.00 35.73
N ARG F 84 -4.75 -30.40 34.84
CA ARG F 84 -3.42 -30.85 35.23
C ARG F 84 -2.36 -29.75 35.15
N LEU F 85 -2.73 -28.55 34.75
CA LEU F 85 -1.75 -27.48 34.47
C LEU F 85 -1.52 -26.65 35.74
N ALA F 86 -0.87 -27.29 36.71
CA ALA F 86 -0.80 -26.71 38.05
C ALA F 86 0.06 -25.46 38.11
N GLN F 87 1.03 -25.33 37.21
CA GLN F 87 1.93 -24.17 37.20
C GLN F 87 1.44 -23.02 36.31
N LEU F 88 0.26 -23.14 35.71
CA LEU F 88 -0.16 -22.15 34.71
C LEU F 88 -0.30 -20.77 35.34
N THR F 89 0.34 -19.78 34.71
CA THR F 89 0.15 -18.39 35.11
C THR F 89 -0.45 -17.51 34.02
N ARG F 90 -0.34 -17.89 32.75
CA ARG F 90 -0.86 -17.06 31.66
C ARG F 90 -1.63 -17.92 30.69
N LEU F 91 -2.90 -17.58 30.47
CA LEU F 91 -3.79 -18.38 29.65
C LEU F 91 -4.44 -17.48 28.60
N GLY F 92 -4.09 -17.68 27.34
CA GLY F 92 -4.62 -16.89 26.26
C GLY F 92 -5.68 -17.63 25.49
N LEU F 93 -6.90 -17.09 25.50
CA LEU F 93 -8.05 -17.69 24.82
C LEU F 93 -8.75 -16.71 23.88
N SER F 94 -8.11 -15.59 23.57
CA SER F 94 -8.78 -14.53 22.84
C SER F 94 -8.99 -14.91 21.37
N HIS F 95 -9.88 -14.16 20.72
CA HIS F 95 -10.10 -14.32 19.28
C HIS F 95 -10.48 -15.76 18.91
N ASN F 96 -11.45 -16.30 19.65
CA ASN F 96 -12.04 -17.57 19.26
C ASN F 96 -13.53 -17.32 19.06
N GLN F 97 -14.35 -18.36 19.21
CA GLN F 97 -15.80 -18.20 19.09
C GLN F 97 -16.50 -18.88 20.26
N PHE F 98 -15.88 -18.82 21.44
CA PHE F 98 -16.46 -19.46 22.61
C PHE F 98 -17.82 -18.88 22.91
N THR F 99 -18.82 -19.75 22.99
CA THR F 99 -20.17 -19.33 23.34
C THR F 99 -20.51 -19.60 24.79
N ALA F 100 -19.73 -20.43 25.48
CA ALA F 100 -19.89 -20.69 26.90
C ALA F 100 -18.57 -21.25 27.39
N LEU F 101 -18.39 -21.22 28.71
CA LEU F 101 -17.27 -21.87 29.35
C LEU F 101 -17.79 -22.90 30.35
N PRO F 102 -17.14 -24.06 30.44
CA PRO F 102 -17.61 -25.08 31.39
C PRO F 102 -17.51 -24.59 32.84
N ALA F 103 -18.39 -25.11 33.67
CA ALA F 103 -18.25 -24.89 35.10
C ALA F 103 -16.98 -25.57 35.59
N GLY F 104 -16.22 -24.86 36.41
CA GLY F 104 -15.01 -25.39 36.98
C GLY F 104 -13.78 -25.38 36.09
N VAL F 105 -13.85 -24.76 34.90
CA VAL F 105 -12.76 -24.93 33.95
C VAL F 105 -11.47 -24.25 34.45
N PHE F 106 -11.59 -23.23 35.29
CA PHE F 106 -10.42 -22.56 35.85
C PHE F 106 -10.14 -22.95 37.29
N ASP F 107 -10.78 -24.00 37.80
CA ASP F 107 -10.74 -24.25 39.24
C ASP F 107 -9.37 -24.76 39.71
N LYS F 108 -8.60 -25.38 38.83
CA LYS F 108 -7.31 -25.96 39.20
C LYS F 108 -6.14 -25.05 38.83
N LEU F 109 -6.36 -23.75 38.63
CA LEU F 109 -5.33 -22.82 38.19
C LEU F 109 -5.08 -21.72 39.23
N PRO F 110 -4.64 -22.08 40.44
CA PRO F 110 -4.54 -21.07 41.50
C PRO F 110 -3.44 -20.06 41.27
N LYS F 111 -2.44 -20.37 40.46
CA LYS F 111 -1.34 -19.46 40.20
C LYS F 111 -1.60 -18.49 39.06
N LEU F 112 -2.76 -18.58 38.42
CA LEU F 112 -2.99 -17.79 37.20
C LEU F 112 -2.93 -16.30 37.50
N THR F 113 -2.11 -15.59 36.74
CA THR F 113 -2.07 -14.13 36.81
C THR F 113 -2.75 -13.42 35.65
N HIS F 114 -2.79 -14.02 34.46
CA HIS F 114 -3.40 -13.41 33.29
C HIS F 114 -4.38 -14.39 32.66
N LEU F 115 -5.59 -13.92 32.39
CA LEU F 115 -6.60 -14.72 31.70
C LEU F 115 -7.17 -13.84 30.59
N VAL F 116 -6.97 -14.25 29.33
CA VAL F 116 -7.35 -13.46 28.17
C VAL F 116 -8.56 -14.12 27.50
N LEU F 117 -9.72 -13.49 27.63
CA LEU F 117 -10.98 -14.02 27.07
C LEU F 117 -11.62 -13.09 26.05
N HIS F 118 -10.94 -12.04 25.64
CA HIS F 118 -11.61 -11.03 24.84
C HIS F 118 -11.84 -11.51 23.41
N THR F 119 -12.84 -10.90 22.76
CA THR F 119 -13.16 -11.18 21.36
C THR F 119 -13.59 -12.63 21.20
N ASN F 120 -14.67 -12.96 21.92
CA ASN F 120 -15.30 -14.27 21.82
C ASN F 120 -16.80 -14.04 21.68
N GLN F 121 -17.58 -15.10 21.93
CA GLN F 121 -19.04 -15.04 21.83
C GLN F 121 -19.72 -15.33 23.17
N LEU F 122 -19.04 -15.03 24.28
CA LEU F 122 -19.60 -15.35 25.61
C LEU F 122 -20.77 -14.43 25.95
N LYS F 123 -21.85 -15.03 26.47
CA LYS F 123 -22.99 -14.27 26.96
C LYS F 123 -22.97 -14.05 28.46
N SER F 124 -22.26 -14.89 29.21
CA SER F 124 -22.11 -14.74 30.65
C SER F 124 -20.97 -15.67 31.09
N ILE F 125 -20.62 -15.59 32.37
CA ILE F 125 -19.65 -16.50 32.97
C ILE F 125 -20.37 -17.26 34.07
N PRO F 126 -20.22 -18.58 34.14
CA PRO F 126 -20.97 -19.35 35.14
C PRO F 126 -20.58 -18.95 36.55
N ARG F 127 -21.54 -19.05 37.46
CA ARG F 127 -21.38 -18.54 38.82
C ARG F 127 -20.15 -19.17 39.49
N GLY F 128 -19.28 -18.32 40.01
CA GLY F 128 -18.10 -18.79 40.72
C GLY F 128 -16.95 -19.24 39.86
N ALA F 129 -16.99 -19.00 38.54
CA ALA F 129 -15.94 -19.54 37.68
C ALA F 129 -14.56 -19.00 38.03
N PHE F 130 -14.50 -17.81 38.61
CA PHE F 130 -13.22 -17.18 38.94
C PHE F 130 -12.87 -17.30 40.41
N ASP F 131 -13.57 -18.16 41.16
CA ASP F 131 -13.44 -18.15 42.62
C ASP F 131 -12.04 -18.55 43.09
N ASN F 132 -11.37 -19.45 42.37
CA ASN F 132 -10.08 -19.94 42.82
C ASN F 132 -8.91 -19.16 42.23
N LEU F 133 -9.18 -18.14 41.42
CA LEU F 133 -8.15 -17.35 40.74
C LEU F 133 -7.67 -16.18 41.61
N LYS F 134 -7.17 -16.53 42.79
CA LYS F 134 -6.82 -15.52 43.79
C LYS F 134 -5.55 -14.76 43.46
N SER F 135 -4.77 -15.18 42.48
CA SER F 135 -3.55 -14.49 42.08
C SER F 135 -3.73 -13.64 40.82
N LEU F 136 -4.94 -13.51 40.32
CA LEU F 136 -5.17 -12.84 39.05
C LEU F 136 -4.80 -11.37 39.15
N THR F 137 -4.02 -10.88 38.18
CA THR F 137 -3.74 -9.46 38.05
C THR F 137 -4.29 -8.85 36.78
N HIS F 138 -4.60 -9.66 35.76
CA HIS F 138 -5.09 -9.15 34.48
C HIS F 138 -6.12 -10.14 33.95
N ILE F 139 -7.35 -9.67 33.75
CA ILE F 139 -8.35 -10.43 33.04
C ILE F 139 -8.92 -9.55 31.94
N TYR F 140 -9.13 -10.13 30.76
CA TYR F 140 -9.63 -9.39 29.61
C TYR F 140 -10.95 -10.01 29.19
N LEU F 141 -12.01 -9.20 29.20
CA LEU F 141 -13.38 -9.63 29.00
C LEU F 141 -14.08 -8.85 27.90
N PHE F 142 -13.41 -7.90 27.27
CA PHE F 142 -14.05 -7.00 26.34
C PHE F 142 -14.35 -7.73 25.03
N ASN F 143 -15.18 -7.11 24.19
CA ASN F 143 -15.59 -7.71 22.91
C ASN F 143 -16.23 -9.09 23.10
N ASN F 144 -17.20 -9.17 24.01
CA ASN F 144 -18.07 -10.31 24.15
C ASN F 144 -19.50 -9.81 24.25
N PRO F 145 -20.47 -10.54 23.67
CA PRO F 145 -21.88 -10.12 23.68
C PRO F 145 -22.59 -10.45 25.00
N TRP F 146 -22.13 -9.84 26.09
CA TRP F 146 -22.68 -10.14 27.41
C TRP F 146 -24.19 -9.89 27.41
N ASP F 147 -24.94 -10.90 27.85
CA ASP F 147 -26.40 -10.85 27.79
C ASP F 147 -26.90 -10.32 29.13
N CYS F 148 -27.17 -9.02 29.19
CA CYS F 148 -27.47 -8.41 30.49
C CYS F 148 -28.93 -8.54 30.90
N GLU F 149 -29.80 -9.00 30.00
CA GLU F 149 -31.20 -9.24 30.38
C GLU F 149 -31.38 -10.53 31.18
N CYS F 150 -30.43 -11.45 31.11
CA CYS F 150 -30.54 -12.74 31.76
C CYS F 150 -29.83 -12.69 33.12
N SER F 151 -30.49 -13.24 34.15
CA SER F 151 -29.96 -13.10 35.51
C SER F 151 -28.60 -13.78 35.68
N ASP F 152 -28.15 -14.60 34.74
CA ASP F 152 -26.83 -15.22 34.83
C ASP F 152 -25.71 -14.19 34.76
N ILE F 153 -25.98 -12.98 34.27
CA ILE F 153 -24.98 -11.92 34.20
C ILE F 153 -24.59 -11.39 35.57
N LEU F 154 -25.33 -11.74 36.64
CA LEU F 154 -25.13 -11.07 37.92
C LEU F 154 -23.84 -11.49 38.60
N TYR F 155 -23.39 -12.74 38.42
CA TYR F 155 -22.07 -13.11 38.91
C TYR F 155 -21.01 -12.18 38.33
N LEU F 156 -20.97 -12.06 37.01
CA LEU F 156 -19.95 -11.21 36.39
C LEU F 156 -20.08 -9.76 36.82
N LYS F 157 -21.33 -9.26 36.94
CA LYS F 157 -21.53 -7.87 37.36
C LYS F 157 -20.92 -7.63 38.73
N ASN F 158 -21.23 -8.50 39.69
CA ASN F 158 -20.67 -8.30 41.03
C ASN F 158 -19.17 -8.54 41.05
N TRP F 159 -18.69 -9.54 40.29
CA TRP F 159 -17.27 -9.88 40.30
C TRP F 159 -16.42 -8.74 39.73
N ILE F 160 -16.86 -8.13 38.62
CA ILE F 160 -16.03 -7.05 38.06
C ILE F 160 -16.04 -5.82 38.95
N VAL F 161 -17.11 -5.58 39.70
CA VAL F 161 -17.07 -4.50 40.68
C VAL F 161 -16.11 -4.86 41.81
N GLN F 162 -16.19 -6.09 42.30
CA GLN F 162 -15.34 -6.50 43.42
C GLN F 162 -13.86 -6.53 43.04
N HIS F 163 -13.54 -6.76 41.77
CA HIS F 163 -12.18 -6.90 41.28
C HIS F 163 -11.88 -5.91 40.16
N ALA F 164 -12.47 -4.71 40.27
CA ALA F 164 -12.44 -3.75 39.17
C ALA F 164 -11.03 -3.42 38.70
N SER F 165 -10.05 -3.47 39.58
CA SER F 165 -8.72 -3.01 39.18
C SER F 165 -8.03 -3.98 38.23
N ILE F 166 -8.42 -5.26 38.26
CA ILE F 166 -7.77 -6.24 37.41
C ILE F 166 -8.51 -6.48 36.10
N VAL F 167 -9.65 -5.82 35.87
CA VAL F 167 -10.44 -6.10 34.67
C VAL F 167 -10.08 -5.12 33.56
N ASN F 168 -9.71 -5.68 32.40
CA ASN F 168 -9.29 -4.92 31.23
C ASN F 168 -8.29 -3.80 31.54
N PRO F 169 -7.20 -4.09 32.25
CA PRO F 169 -6.31 -2.99 32.64
C PRO F 169 -5.84 -2.20 31.43
N HIS F 170 -5.69 -0.90 31.65
CA HIS F 170 -5.22 0.06 30.68
C HIS F 170 -4.07 -0.57 29.92
N PRO F 171 -4.07 -0.51 28.58
CA PRO F 171 -4.95 0.31 27.74
C PRO F 171 -6.21 -0.37 27.21
N TYR F 172 -6.76 -1.36 27.91
CA TYR F 172 -7.89 -2.10 27.38
C TYR F 172 -9.23 -1.66 27.97
N GLY F 173 -9.28 -0.48 28.60
CA GLY F 173 -10.55 0.17 28.86
C GLY F 173 -11.12 -0.02 30.26
N GLY F 174 -10.55 -0.89 31.08
CA GLY F 174 -10.98 -1.05 32.44
C GLY F 174 -12.35 -1.71 32.61
N VAL F 175 -12.88 -1.53 33.82
CA VAL F 175 -14.11 -2.21 34.19
C VAL F 175 -15.27 -1.78 33.30
N ASP F 176 -15.29 -0.52 32.86
CA ASP F 176 -16.39 -0.05 32.02
C ASP F 176 -16.37 -0.68 30.62
N ASN F 177 -15.27 -1.30 30.20
CA ASN F 177 -15.20 -1.94 28.90
C ASN F 177 -15.69 -3.39 28.94
N VAL F 178 -16.52 -3.74 29.91
CA VAL F 178 -17.31 -4.96 29.89
C VAL F 178 -18.73 -4.50 29.61
N LYS F 179 -19.21 -4.72 28.38
CA LYS F 179 -20.37 -4.00 27.86
C LYS F 179 -21.50 -4.96 27.52
N CYS F 180 -22.73 -4.53 27.82
CA CYS F 180 -23.90 -5.32 27.48
C CYS F 180 -24.09 -5.34 25.98
N SER F 181 -24.48 -6.49 25.46
CA SER F 181 -24.75 -6.59 24.03
C SER F 181 -25.94 -5.71 23.66
N GLY F 182 -25.82 -5.03 22.53
CA GLY F 182 -26.89 -4.19 22.02
C GLY F 182 -26.84 -2.78 22.56
N THR F 183 -27.16 -2.62 23.84
CA THR F 183 -27.22 -1.28 24.43
C THR F 183 -25.84 -0.67 24.60
N ASN F 184 -24.81 -1.49 24.80
CA ASN F 184 -23.46 -1.03 25.15
C ASN F 184 -23.43 -0.30 26.50
N THR F 185 -24.28 -0.70 27.42
CA THR F 185 -24.12 -0.20 28.77
C THR F 185 -23.07 -1.06 29.48
N PRO F 186 -22.38 -0.50 30.47
CA PRO F 186 -21.46 -1.33 31.26
C PRO F 186 -22.20 -2.40 32.05
N VAL F 187 -21.72 -3.64 31.95
CA VAL F 187 -22.22 -4.75 32.75
C VAL F 187 -22.21 -4.41 34.24
N ARG F 188 -21.21 -3.63 34.68
CA ARG F 188 -21.10 -3.27 36.09
C ARG F 188 -22.31 -2.53 36.62
N ALA F 189 -23.18 -2.03 35.74
CA ALA F 189 -24.29 -1.18 36.11
C ALA F 189 -25.63 -1.91 36.16
N VAL F 190 -25.64 -3.20 35.86
CA VAL F 190 -26.89 -3.94 35.77
C VAL F 190 -27.46 -4.19 37.16
N THR F 191 -28.74 -3.88 37.34
CA THR F 191 -29.43 -4.13 38.59
C THR F 191 -30.08 -5.52 38.56
N GLU F 192 -30.19 -6.13 39.74
CA GLU F 192 -30.81 -7.44 39.83
C GLU F 192 -32.24 -7.42 39.31
N ALA F 193 -32.94 -6.30 39.55
CA ALA F 193 -34.35 -6.22 39.17
C ALA F 193 -34.53 -6.15 37.66
N SER F 194 -33.52 -5.67 36.93
CA SER F 194 -33.64 -5.54 35.49
C SER F 194 -33.34 -6.84 34.76
N THR F 195 -32.96 -7.90 35.47
CA THR F 195 -32.74 -9.21 34.89
C THR F 195 -33.85 -10.14 35.31
N SER F 196 -33.86 -11.33 34.70
CA SER F 196 -34.86 -12.35 34.97
C SER F 196 -34.28 -13.71 34.63
N PRO F 197 -34.61 -14.76 35.39
CA PRO F 197 -34.10 -16.10 35.05
C PRO F 197 -34.80 -16.71 33.86
N SER F 198 -35.90 -16.13 33.39
CA SER F 198 -36.66 -16.71 32.29
C SER F 198 -36.14 -16.32 30.92
N LYS F 199 -35.39 -15.23 30.82
CA LYS F 199 -34.81 -14.81 29.53
C LYS F 199 -33.40 -15.33 29.33
N CYS F 200 -33.14 -16.54 29.75
CA CYS F 200 -31.82 -17.12 29.60
C CYS F 200 -31.84 -18.25 28.58
N PRO F 201 -30.72 -18.47 27.87
CA PRO F 201 -30.64 -19.55 26.87
C PRO F 201 -30.58 -20.93 27.50
MG MG G . -22.11 -5.84 -31.14
MG MG H . -3.77 19.80 -9.81
MG MG I . 18.85 -29.98 -23.08
MG MG J . -17.31 -23.48 41.45
#